data_4PW7
#
_entry.id   4PW7
#
_cell.length_a   42.331
_cell.length_b   83.694
_cell.length_c   83.686
_cell.angle_alpha   89.97
_cell.angle_beta   89.94
_cell.angle_gamma   90.02
#
_symmetry.space_group_name_H-M   'P 1'
#
loop_
_entity.id
_entity.type
_entity.pdbx_description
1 polymer 'E3 ubiquitin-protein ligase UHRF2'
2 polymer '5mC-containing DNA1'
3 polymer '5mC-containing DNA2'
4 water water
#
loop_
_entity_poly.entity_id
_entity_poly.type
_entity_poly.pdbx_seq_one_letter_code
_entity_poly.pdbx_strand_id
1 'polypeptide(L)'
;STESRRDWGRGMACVGRTRECTIVPSNHYGPIPGIPVGSTWRFRVQVSEAGVHRPHVGGIHGRSNDGAYSLVLAGGFADE
VDRGDEFTYTGSGGKNLAGNKRIGAPSADQTLTNMNRALALNCDAPLDDKIGAESRNWRAGKPVRVIRSFKGRKISKYAP
EEGNRYDGIYKVVKYWPEISSSHGFLVWRYLLRRDDVEPAPWTSEGIERSRRLCLRLQYPAGYPSDKEGK
;
A,B,E,F
2 'polydeoxyribonucleotide' (DC)(DT)(DG)(DG)(DT)(DC)(5CM)(DG)(DG)(DA)(DT)(DG) C,G
3 'polydeoxyribonucleotide' (DC)(DC)(DA)(DT)(DC)(DC)(DG)(DG)(DA)(DC)(DC)(DA) D,H
#
# COMPACT_ATOMS: atom_id res chain seq x y z
N ILE A 23 18.51 -23.87 -19.27
CA ILE A 23 18.95 -25.08 -19.95
C ILE A 23 20.49 -25.17 -19.97
N VAL A 24 21.14 -24.09 -20.38
CA VAL A 24 22.60 -24.04 -20.37
C VAL A 24 23.09 -22.82 -19.60
N PRO A 25 24.32 -22.86 -19.09
CA PRO A 25 24.88 -21.70 -18.42
C PRO A 25 25.11 -20.52 -19.38
N SER A 26 25.29 -19.32 -18.82
CA SER A 26 25.44 -18.13 -19.64
CA SER A 26 25.44 -18.13 -19.63
C SER A 26 26.74 -18.15 -20.45
N ASN A 27 27.73 -18.91 -19.99
CA ASN A 27 29.00 -18.98 -20.70
C ASN A 27 29.10 -20.23 -21.59
N HIS A 28 27.95 -20.71 -22.03
CA HIS A 28 27.87 -21.87 -22.92
C HIS A 28 28.35 -21.58 -24.35
N TYR A 29 29.30 -22.38 -24.85
CA TYR A 29 29.75 -22.29 -26.25
C TYR A 29 28.93 -23.21 -27.16
N GLY A 30 28.60 -22.74 -28.36
CA GLY A 30 27.93 -23.59 -29.31
C GLY A 30 26.42 -23.39 -29.37
N PRO A 31 25.72 -24.21 -30.17
CA PRO A 31 24.27 -24.07 -30.33
C PRO A 31 23.52 -24.24 -29.02
N ILE A 32 22.37 -23.59 -28.90
CA ILE A 32 21.50 -23.82 -27.76
C ILE A 32 20.62 -25.03 -28.04
N PRO A 33 20.58 -26.00 -27.11
CA PRO A 33 19.76 -27.21 -27.32
C PRO A 33 18.31 -26.86 -27.64
N GLY A 34 17.74 -27.49 -28.65
CA GLY A 34 16.35 -27.26 -28.99
C GLY A 34 16.11 -26.06 -29.88
N ILE A 35 17.15 -25.31 -30.21
CA ILE A 35 16.97 -24.14 -31.07
CA ILE A 35 17.01 -24.12 -31.05
C ILE A 35 17.75 -24.30 -32.37
N PRO A 36 17.04 -24.71 -33.43
CA PRO A 36 17.64 -24.96 -34.74
C PRO A 36 18.01 -23.69 -35.48
N VAL A 37 19.02 -23.78 -36.34
CA VAL A 37 19.28 -22.77 -37.33
C VAL A 37 17.99 -22.42 -38.07
N GLY A 38 17.74 -21.13 -38.25
CA GLY A 38 16.54 -20.67 -38.92
C GLY A 38 15.51 -20.12 -37.95
N SER A 39 15.70 -20.41 -36.65
CA SER A 39 14.82 -19.90 -35.61
C SER A 39 14.85 -18.38 -35.63
N THR A 40 13.67 -17.77 -35.52
CA THR A 40 13.54 -16.33 -35.67
C THR A 40 12.62 -15.70 -34.61
N TRP A 41 13.08 -14.63 -33.99
CA TRP A 41 12.33 -13.90 -32.97
C TRP A 41 12.21 -12.43 -33.35
N ARG A 42 11.09 -11.80 -33.02
CA ARG A 42 10.92 -10.39 -33.39
C ARG A 42 11.89 -9.47 -32.65
N PHE A 43 12.06 -9.67 -31.35
CA PHE A 43 12.82 -8.71 -30.54
C PHE A 43 14.04 -9.32 -29.88
N ARG A 44 15.04 -8.50 -29.64
CA ARG A 44 16.28 -8.94 -29.03
C ARG A 44 16.07 -9.64 -27.68
N VAL A 45 15.11 -9.18 -26.88
CA VAL A 45 14.88 -9.75 -25.55
CA VAL A 45 14.89 -9.75 -25.55
C VAL A 45 14.45 -11.21 -25.65
N GLN A 46 13.77 -11.56 -26.74
CA GLN A 46 13.36 -12.95 -26.95
C GLN A 46 14.58 -13.82 -27.22
N VAL A 47 15.51 -13.27 -27.99
CA VAL A 47 16.75 -13.98 -28.31
C VAL A 47 17.53 -14.20 -27.03
N SER A 48 17.45 -13.21 -26.14
CA SER A 48 18.11 -13.28 -24.85
CA SER A 48 18.11 -13.28 -24.85
C SER A 48 17.48 -14.35 -23.97
N GLU A 49 16.16 -14.32 -23.85
CA GLU A 49 15.46 -15.31 -23.02
C GLU A 49 15.64 -16.74 -23.52
N ALA A 50 15.79 -16.90 -24.83
CA ALA A 50 16.04 -18.20 -25.42
C ALA A 50 17.46 -18.69 -25.13
N GLY A 51 18.30 -17.79 -24.62
CA GLY A 51 19.69 -18.10 -24.31
C GLY A 51 20.63 -17.95 -25.50
N VAL A 52 20.06 -17.62 -26.66
CA VAL A 52 20.85 -17.57 -27.90
C VAL A 52 21.82 -16.39 -27.90
N HIS A 53 21.34 -15.25 -27.43
CA HIS A 53 22.20 -14.08 -27.33
C HIS A 53 21.79 -13.28 -26.11
N ARG A 54 22.54 -13.45 -25.03
CA ARG A 54 22.12 -13.00 -23.72
C ARG A 54 21.95 -11.48 -23.59
N PRO A 55 22.91 -10.68 -24.10
CA PRO A 55 22.71 -9.23 -23.94
C PRO A 55 21.46 -8.73 -24.65
N HIS A 56 20.75 -7.81 -24.04
CA HIS A 56 19.55 -7.23 -24.62
C HIS A 56 19.91 -6.18 -25.66
N VAL A 57 21.07 -5.56 -25.51
CA VAL A 57 21.47 -4.47 -26.38
C VAL A 57 22.77 -4.72 -27.13
N GLY A 58 23.82 -5.04 -26.38
CA GLY A 58 25.14 -5.23 -26.96
C GLY A 58 25.19 -6.22 -28.12
N GLY A 59 26.11 -5.99 -29.05
CA GLY A 59 26.27 -6.85 -30.20
C GLY A 59 27.03 -8.13 -29.94
N ILE A 60 27.93 -8.13 -28.95
CA ILE A 60 28.77 -9.29 -28.65
C ILE A 60 28.53 -9.78 -27.23
N HIS A 61 28.30 -11.07 -27.06
CA HIS A 61 28.33 -11.63 -25.71
C HIS A 61 29.64 -12.37 -25.47
N GLY A 62 30.41 -11.92 -24.49
CA GLY A 62 31.63 -12.60 -24.14
C GLY A 62 32.20 -12.21 -22.78
N ARG A 63 33.27 -12.88 -22.39
CA ARG A 63 34.01 -12.52 -21.20
C ARG A 63 35.48 -12.35 -21.61
N SER A 64 36.06 -11.22 -21.21
CA SER A 64 37.33 -10.77 -21.78
C SER A 64 38.51 -11.71 -21.56
N ASN A 65 38.46 -12.60 -20.56
CA ASN A 65 39.53 -13.59 -20.39
C ASN A 65 39.05 -15.03 -20.62
N ASP A 66 38.00 -15.19 -21.41
CA ASP A 66 37.50 -16.51 -21.78
C ASP A 66 37.33 -16.59 -23.30
N GLY A 67 36.27 -15.95 -23.80
CA GLY A 67 35.99 -15.91 -25.22
C GLY A 67 34.61 -15.38 -25.44
N ALA A 68 34.17 -15.35 -26.69
CA ALA A 68 32.84 -14.86 -27.04
C ALA A 68 31.90 -16.00 -27.41
N TYR A 69 30.66 -15.93 -26.96
CA TYR A 69 29.70 -17.00 -27.17
C TYR A 69 28.75 -16.69 -28.31
N SER A 70 28.51 -15.41 -28.58
CA SER A 70 27.57 -15.06 -29.63
C SER A 70 27.66 -13.60 -30.07
N LEU A 71 27.12 -13.32 -31.25
CA LEU A 71 27.10 -11.95 -31.72
C LEU A 71 25.91 -11.71 -32.66
N VAL A 72 25.56 -10.44 -32.81
CA VAL A 72 24.39 -10.07 -33.59
C VAL A 72 24.83 -9.15 -34.72
N LEU A 73 24.38 -9.47 -35.93
CA LEU A 73 24.67 -8.68 -37.13
C LEU A 73 23.51 -7.76 -37.44
N ALA A 74 23.60 -6.48 -37.06
CA ALA A 74 22.44 -5.60 -37.22
C ALA A 74 22.76 -4.31 -37.98
N GLY A 75 23.76 -4.34 -38.84
CA GLY A 75 24.06 -3.23 -39.72
C GLY A 75 24.60 -1.97 -39.07
N GLY A 76 25.12 -2.10 -37.85
CA GLY A 76 25.64 -0.95 -37.13
C GLY A 76 26.86 -0.31 -37.77
N PHE A 77 27.61 -1.06 -38.58
CA PHE A 77 28.77 -0.49 -39.24
C PHE A 77 28.69 -0.58 -40.76
N ALA A 78 28.68 0.59 -41.40
CA ALA A 78 28.40 0.71 -42.84
C ALA A 78 29.45 0.05 -43.74
N ASP A 79 30.62 -0.25 -43.20
CA ASP A 79 31.69 -0.81 -44.04
C ASP A 79 31.87 -2.33 -43.89
N GLU A 80 31.00 -2.97 -43.10
CA GLU A 80 31.03 -4.42 -42.99
C GLU A 80 30.55 -5.09 -44.28
N VAL A 81 31.02 -6.29 -44.54
CA VAL A 81 30.50 -7.08 -45.65
C VAL A 81 30.06 -8.46 -45.22
N ASP A 82 29.26 -9.09 -46.07
CA ASP A 82 28.60 -10.33 -45.70
C ASP A 82 28.37 -11.17 -46.96
N ARG A 83 28.98 -12.34 -46.99
CA ARG A 83 28.76 -13.28 -48.09
C ARG A 83 28.04 -14.53 -47.60
N GLY A 84 27.44 -14.45 -46.41
CA GLY A 84 26.73 -15.58 -45.84
C GLY A 84 27.64 -16.59 -45.15
N ASP A 85 28.41 -17.33 -45.93
CA ASP A 85 29.37 -18.27 -45.36
C ASP A 85 30.50 -17.56 -44.60
N GLU A 86 30.75 -16.30 -44.98
CA GLU A 86 31.80 -15.47 -44.39
C GLU A 86 31.28 -14.05 -44.25
N PHE A 87 31.72 -13.34 -43.22
CA PHE A 87 31.36 -11.93 -43.09
C PHE A 87 32.43 -11.23 -42.26
N THR A 88 32.54 -9.91 -42.42
CA THR A 88 33.38 -9.16 -41.51
C THR A 88 32.51 -8.55 -40.44
N TYR A 89 33.10 -8.33 -39.28
CA TYR A 89 32.36 -7.86 -38.12
C TYR A 89 33.24 -6.87 -37.36
N THR A 90 32.61 -5.98 -36.60
CA THR A 90 33.34 -4.90 -35.96
C THR A 90 33.16 -4.96 -34.47
N GLY A 91 34.22 -4.66 -33.74
CA GLY A 91 34.15 -4.54 -32.29
C GLY A 91 33.21 -3.42 -31.88
N SER A 92 32.97 -3.31 -30.58
CA SER A 92 32.16 -2.22 -30.04
C SER A 92 33.07 -1.20 -29.38
N GLY A 93 32.47 -0.14 -28.87
CA GLY A 93 33.22 0.94 -28.26
C GLY A 93 33.60 1.98 -29.29
N GLY A 94 34.41 2.94 -28.87
CA GLY A 94 34.78 4.05 -29.72
C GLY A 94 33.64 5.04 -29.92
N LYS A 95 32.71 5.07 -28.97
CA LYS A 95 31.55 5.97 -29.05
C LYS A 95 31.36 6.74 -27.74
N LYS A 101 23.35 7.19 -22.53
CA LYS A 101 22.96 6.61 -23.80
C LYS A 101 23.37 5.15 -23.92
N ARG A 102 22.46 4.31 -24.41
CA ARG A 102 22.78 2.91 -24.65
C ARG A 102 23.38 2.73 -26.06
N ILE A 103 23.22 3.75 -26.89
CA ILE A 103 23.86 3.80 -28.20
C ILE A 103 24.26 5.25 -28.50
N GLY A 104 25.42 5.46 -29.12
CA GLY A 104 25.87 6.79 -29.45
C GLY A 104 26.61 6.90 -30.77
N ALA A 105 27.09 8.10 -31.07
CA ALA A 105 27.91 8.34 -32.26
C ALA A 105 29.37 7.99 -31.98
N PRO A 106 30.07 7.42 -32.98
CA PRO A 106 31.49 7.10 -32.86
C PRO A 106 32.33 8.36 -32.61
N SER A 107 33.32 8.28 -31.73
CA SER A 107 34.07 9.47 -31.36
C SER A 107 35.52 9.19 -30.95
N ALA A 108 35.87 7.94 -30.71
CA ALA A 108 37.24 7.59 -30.33
C ALA A 108 37.65 6.23 -30.89
N ASP A 109 38.93 5.89 -30.75
CA ASP A 109 39.44 4.61 -31.23
C ASP A 109 38.94 3.45 -30.38
N GLN A 110 38.69 2.30 -31.02
CA GLN A 110 38.35 1.09 -30.26
C GLN A 110 39.62 0.46 -29.70
N THR A 111 39.47 -0.36 -28.68
CA THR A 111 40.60 -1.07 -28.09
C THR A 111 40.27 -2.55 -27.99
N LEU A 112 41.30 -3.40 -27.96
CA LEU A 112 41.09 -4.84 -27.87
C LEU A 112 40.90 -5.22 -26.40
N THR A 113 39.78 -4.79 -25.85
CA THR A 113 39.47 -5.01 -24.44
C THR A 113 38.04 -5.46 -24.34
N ASN A 114 37.65 -5.93 -23.16
CA ASN A 114 36.28 -6.36 -22.90
C ASN A 114 35.79 -7.32 -24.00
N MET A 115 34.63 -7.04 -24.60
CA MET A 115 34.02 -7.95 -25.57
C MET A 115 34.88 -8.11 -26.84
N ASN A 116 35.60 -7.06 -27.22
CA ASN A 116 36.47 -7.13 -28.37
C ASN A 116 37.57 -8.14 -28.14
N ARG A 117 38.13 -8.10 -26.93
CA ARG A 117 39.16 -9.04 -26.52
C ARG A 117 38.60 -10.44 -26.49
N ALA A 118 37.40 -10.59 -25.93
CA ALA A 118 36.75 -11.91 -25.87
C ALA A 118 36.64 -12.54 -27.26
N LEU A 119 36.16 -11.77 -28.23
CA LEU A 119 35.98 -12.30 -29.57
C LEU A 119 37.34 -12.72 -30.16
N ALA A 120 38.37 -11.90 -29.97
CA ALA A 120 39.69 -12.22 -30.49
C ALA A 120 40.23 -13.52 -29.89
N LEU A 121 39.92 -13.78 -28.62
CA LEU A 121 40.37 -15.01 -27.99
C LEU A 121 39.79 -16.27 -28.63
N ASN A 122 38.66 -16.15 -29.32
CA ASN A 122 38.09 -17.28 -30.06
C ASN A 122 38.95 -17.71 -31.24
N CYS A 123 39.78 -16.80 -31.74
CA CYS A 123 40.65 -17.10 -32.87
C CYS A 123 41.74 -18.06 -32.43
N ASP A 124 42.02 -19.09 -33.23
CA ASP A 124 43.09 -20.03 -32.91
C ASP A 124 44.46 -19.42 -33.19
N ALA A 125 44.92 -18.55 -32.29
CA ALA A 125 46.14 -17.80 -32.48
C ALA A 125 46.48 -17.04 -31.21
N PRO A 126 47.77 -16.71 -30.99
CA PRO A 126 48.09 -15.85 -29.84
C PRO A 126 47.36 -14.52 -29.91
N LEU A 127 46.99 -13.99 -28.75
CA LEU A 127 46.32 -12.69 -28.67
C LEU A 127 47.29 -11.56 -29.00
N ASP A 128 46.91 -10.69 -29.92
CA ASP A 128 47.79 -9.58 -30.31
C ASP A 128 46.98 -8.28 -30.43
N ASP A 129 47.15 -7.38 -29.46
CA ASP A 129 46.35 -6.15 -29.45
C ASP A 129 46.99 -4.98 -30.21
N LYS A 130 48.05 -5.26 -30.96
CA LYS A 130 48.67 -4.24 -31.78
C LYS A 130 48.32 -4.39 -33.25
N ILE A 131 48.56 -5.57 -33.81
CA ILE A 131 48.29 -5.78 -35.23
C ILE A 131 47.29 -6.91 -35.50
N GLY A 132 46.71 -7.48 -34.44
CA GLY A 132 45.77 -8.57 -34.60
C GLY A 132 46.49 -9.87 -34.96
N ALA A 133 45.74 -10.88 -35.39
CA ALA A 133 46.32 -12.18 -35.72
C ALA A 133 45.46 -12.97 -36.69
N GLU A 134 46.07 -13.97 -37.31
CA GLU A 134 45.39 -14.85 -38.22
C GLU A 134 45.50 -16.28 -37.73
N SER A 135 44.37 -16.98 -37.67
CA SER A 135 44.32 -18.35 -37.13
CA SER A 135 44.36 -18.33 -37.10
C SER A 135 45.26 -19.30 -37.86
N ARG A 136 45.80 -20.27 -37.13
CA ARG A 136 46.63 -21.31 -37.72
CA ARG A 136 46.62 -21.31 -37.70
C ARG A 136 45.73 -22.39 -38.32
N ASN A 137 44.72 -22.77 -37.55
CA ASN A 137 43.76 -23.78 -37.93
C ASN A 137 42.39 -23.19 -37.64
N TRP A 138 41.80 -22.48 -38.59
CA TRP A 138 40.61 -21.65 -38.29
C TRP A 138 39.51 -22.46 -37.60
N ARG A 139 39.34 -23.72 -38.00
CA ARG A 139 38.30 -24.56 -37.41
CA ARG A 139 38.31 -24.57 -37.41
C ARG A 139 38.61 -24.94 -35.95
N ALA A 140 39.85 -24.76 -35.54
CA ALA A 140 40.24 -25.04 -34.16
C ALA A 140 39.76 -23.94 -33.21
N GLY A 141 39.31 -22.81 -33.75
CA GLY A 141 38.82 -21.71 -32.94
C GLY A 141 37.54 -22.05 -32.19
N LYS A 142 37.24 -21.28 -31.15
CA LYS A 142 36.03 -21.46 -30.38
C LYS A 142 34.82 -21.00 -31.16
N PRO A 143 33.71 -21.75 -31.07
CA PRO A 143 32.50 -21.44 -31.83
C PRO A 143 31.76 -20.17 -31.35
N VAL A 144 31.19 -19.43 -32.29
CA VAL A 144 30.37 -18.26 -32.02
CA VAL A 144 30.33 -18.31 -31.94
C VAL A 144 28.99 -18.46 -32.63
N ARG A 145 27.93 -18.32 -31.82
CA ARG A 145 26.57 -18.33 -32.33
C ARG A 145 26.33 -17.02 -33.09
N VAL A 146 25.79 -17.08 -34.30
CA VAL A 146 25.59 -15.85 -35.06
C VAL A 146 24.12 -15.59 -35.35
N ILE A 147 23.68 -14.41 -34.99
CA ILE A 147 22.31 -13.97 -35.21
C ILE A 147 22.33 -12.80 -36.20
N ARG A 148 21.63 -12.94 -37.33
CA ARG A 148 21.45 -11.81 -38.24
C ARG A 148 20.11 -11.14 -37.96
N SER A 149 20.17 -9.82 -37.83
CA SER A 149 19.02 -8.97 -37.62
C SER A 149 18.54 -8.36 -38.93
N PHE A 150 17.23 -8.13 -39.02
CA PHE A 150 16.63 -7.48 -40.18
C PHE A 150 17.22 -6.10 -40.40
N LYS A 151 17.70 -5.49 -39.33
CA LYS A 151 18.38 -4.19 -39.42
C LYS A 151 19.66 -4.26 -40.24
N GLY A 152 20.20 -5.46 -40.38
CA GLY A 152 21.42 -5.63 -41.17
C GLY A 152 21.19 -5.54 -42.68
N ARG A 153 19.92 -5.50 -43.09
CA ARG A 153 19.60 -5.40 -44.51
CA ARG A 153 19.58 -5.40 -44.51
C ARG A 153 20.23 -4.17 -45.16
N LYS A 154 20.59 -3.18 -44.36
CA LYS A 154 21.20 -2.00 -44.98
C LYS A 154 22.64 -2.25 -45.42
N ILE A 155 23.23 -3.38 -45.01
CA ILE A 155 24.55 -3.73 -45.54
C ILE A 155 24.61 -5.15 -46.10
N SER A 156 23.61 -5.97 -45.78
CA SER A 156 23.70 -7.39 -46.10
C SER A 156 22.50 -7.97 -46.83
N LYS A 157 22.77 -8.73 -47.89
CA LYS A 157 21.71 -9.41 -48.62
C LYS A 157 21.24 -10.67 -47.88
N TYR A 158 21.96 -11.05 -46.84
CA TYR A 158 21.66 -12.31 -46.15
C TYR A 158 20.84 -12.10 -44.87
N ALA A 159 20.71 -10.85 -44.43
CA ALA A 159 19.86 -10.54 -43.28
C ALA A 159 18.40 -10.96 -43.54
N PRO A 160 17.67 -11.38 -42.50
CA PRO A 160 16.26 -11.72 -42.67
C PRO A 160 15.41 -10.50 -42.95
N GLU A 161 14.21 -10.72 -43.51
CA GLU A 161 13.27 -9.63 -43.75
C GLU A 161 12.76 -9.05 -42.44
N GLU A 162 12.60 -9.90 -41.44
CA GLU A 162 12.03 -9.48 -40.16
C GLU A 162 12.72 -10.15 -38.98
N GLY A 163 12.79 -9.41 -37.88
CA GLY A 163 13.28 -9.97 -36.63
C GLY A 163 14.73 -10.39 -36.62
N ASN A 164 15.04 -11.39 -35.80
CA ASN A 164 16.40 -11.82 -35.54
C ASN A 164 16.51 -13.31 -35.76
N ARG A 165 17.38 -13.72 -36.68
CA ARG A 165 17.44 -15.11 -37.11
C ARG A 165 18.73 -15.77 -36.68
N TYR A 166 18.64 -16.91 -35.99
CA TYR A 166 19.82 -17.67 -35.62
C TYR A 166 20.37 -18.43 -36.83
N ASP A 167 21.58 -18.07 -37.25
CA ASP A 167 22.12 -18.61 -38.49
C ASP A 167 23.19 -19.67 -38.27
N GLY A 168 23.50 -19.98 -37.01
CA GLY A 168 24.39 -21.09 -36.71
C GLY A 168 25.77 -20.67 -36.25
N ILE A 169 26.70 -21.62 -36.34
CA ILE A 169 28.00 -21.49 -35.73
C ILE A 169 29.08 -21.00 -36.69
N TYR A 170 29.80 -19.96 -36.27
CA TYR A 170 30.89 -19.42 -37.07
C TYR A 170 32.15 -19.44 -36.22
N LYS A 171 33.29 -19.22 -36.86
CA LYS A 171 34.56 -19.14 -36.16
C LYS A 171 35.39 -17.96 -36.66
N VAL A 172 36.22 -17.41 -35.78
CA VAL A 172 37.03 -16.25 -36.11
C VAL A 172 38.30 -16.66 -36.87
N VAL A 173 38.34 -16.30 -38.16
CA VAL A 173 39.47 -16.66 -38.99
C VAL A 173 40.67 -15.78 -38.70
N LYS A 174 40.40 -14.48 -38.54
CA LYS A 174 41.43 -13.51 -38.21
C LYS A 174 40.78 -12.23 -37.71
N TYR A 175 41.59 -11.34 -37.19
CA TYR A 175 41.11 -10.05 -36.71
C TYR A 175 42.25 -9.05 -36.79
N TRP A 176 41.93 -7.78 -36.89
CA TRP A 176 42.95 -6.78 -37.15
C TRP A 176 42.38 -5.40 -36.89
N PRO A 177 43.23 -4.42 -36.54
CA PRO A 177 42.74 -3.05 -36.39
C PRO A 177 42.81 -2.27 -37.70
N GLU A 178 41.83 -1.42 -37.96
CA GLU A 178 41.86 -0.54 -39.15
C GLU A 178 41.00 0.70 -38.93
N ILE A 179 41.35 1.78 -39.64
CA ILE A 179 40.52 2.99 -39.67
C ILE A 179 39.23 2.70 -40.41
N SER A 180 38.09 2.93 -39.75
CA SER A 180 36.79 2.73 -40.38
C SER A 180 36.62 3.61 -41.62
N SER A 181 36.20 2.99 -42.73
CA SER A 181 35.92 3.72 -43.96
C SER A 181 34.71 4.62 -43.82
N SER A 182 33.88 4.35 -42.81
CA SER A 182 32.63 5.09 -42.67
C SER A 182 32.63 6.13 -41.56
N HIS A 183 33.64 6.13 -40.68
CA HIS A 183 33.69 7.19 -39.67
C HIS A 183 35.08 7.62 -39.17
N GLY A 184 36.13 7.07 -39.75
CA GLY A 184 37.47 7.63 -39.56
C GLY A 184 38.19 7.38 -38.25
N PHE A 185 37.59 6.59 -37.37
CA PHE A 185 38.28 6.17 -36.16
C PHE A 185 38.69 4.70 -36.27
N LEU A 186 39.64 4.28 -35.44
CA LEU A 186 40.12 2.91 -35.46
CA LEU A 186 40.13 2.91 -35.45
C LEU A 186 39.07 1.96 -34.92
N VAL A 187 38.84 0.86 -35.64
CA VAL A 187 37.98 -0.18 -35.15
C VAL A 187 38.74 -1.50 -35.15
N TRP A 188 38.30 -2.45 -34.33
CA TRP A 188 38.82 -3.80 -34.43
C TRP A 188 37.89 -4.60 -35.34
N ARG A 189 38.46 -5.24 -36.35
CA ARG A 189 37.66 -5.94 -37.35
C ARG A 189 37.91 -7.43 -37.26
N TYR A 190 36.91 -8.21 -37.64
CA TYR A 190 36.98 -9.66 -37.51
C TYR A 190 36.46 -10.30 -38.78
N LEU A 191 37.11 -11.38 -39.21
CA LEU A 191 36.55 -12.20 -40.30
C LEU A 191 35.96 -13.48 -39.72
N LEU A 192 34.66 -13.69 -39.95
CA LEU A 192 33.97 -14.84 -39.40
C LEU A 192 33.66 -15.80 -40.54
N ARG A 193 33.83 -17.09 -40.31
CA ARG A 193 33.53 -18.12 -41.30
C ARG A 193 32.67 -19.23 -40.71
N ARG A 194 31.65 -19.66 -41.44
CA ARG A 194 30.69 -20.62 -40.92
C ARG A 194 31.27 -22.03 -40.81
N ASP A 195 30.96 -22.71 -39.71
CA ASP A 195 31.40 -24.08 -39.50
C ASP A 195 30.29 -24.81 -38.74
N ASP A 196 29.29 -25.28 -39.48
CA ASP A 196 28.08 -25.80 -38.85
C ASP A 196 27.47 -26.92 -39.69
N VAL A 197 27.11 -28.03 -39.05
CA VAL A 197 26.49 -29.17 -39.71
C VAL A 197 25.05 -28.83 -40.14
N GLU A 198 24.40 -27.90 -39.44
CA GLU A 198 23.06 -27.47 -39.83
C GLU A 198 23.15 -26.54 -41.05
N PRO A 199 22.38 -26.82 -42.10
CA PRO A 199 22.55 -25.98 -43.30
C PRO A 199 22.08 -24.54 -43.08
N ALA A 200 22.76 -23.61 -43.75
CA ALA A 200 22.48 -22.18 -43.61
C ALA A 200 21.08 -21.86 -44.13
N PRO A 201 20.41 -20.89 -43.48
CA PRO A 201 19.00 -20.60 -43.79
C PRO A 201 18.73 -20.15 -45.23
N TRP A 202 19.70 -19.57 -45.91
CA TRP A 202 19.46 -19.05 -47.26
C TRP A 202 19.73 -20.10 -48.35
N THR A 203 20.28 -21.25 -47.98
CA THR A 203 20.51 -22.30 -48.97
C THR A 203 19.20 -23.06 -49.25
N SER A 204 19.14 -23.72 -50.39
CA SER A 204 17.97 -24.54 -50.72
C SER A 204 17.66 -25.50 -49.58
N GLU A 205 18.71 -26.12 -49.05
CA GLU A 205 18.51 -27.12 -48.02
C GLU A 205 17.97 -26.52 -46.73
N GLY A 206 18.49 -25.36 -46.35
CA GLY A 206 18.07 -24.69 -45.13
C GLY A 206 16.65 -24.19 -45.24
N ILE A 207 16.30 -23.70 -46.43
CA ILE A 207 14.94 -23.27 -46.73
C ILE A 207 13.96 -24.44 -46.56
N GLU A 208 14.30 -25.58 -47.14
CA GLU A 208 13.46 -26.76 -46.98
C GLU A 208 13.35 -27.18 -45.52
N ARG A 209 14.44 -27.06 -44.77
CA ARG A 209 14.44 -27.46 -43.38
C ARG A 209 13.57 -26.54 -42.52
N SER A 210 13.69 -25.24 -42.74
CA SER A 210 12.85 -24.27 -42.04
C SER A 210 11.37 -24.52 -42.32
N ARG A 211 11.05 -24.88 -43.56
CA ARG A 211 9.66 -25.20 -43.89
C ARG A 211 9.26 -26.49 -43.19
N ARG A 212 10.11 -27.52 -43.31
CA ARG A 212 9.88 -28.81 -42.67
C ARG A 212 9.68 -28.66 -41.16
N LEU A 213 10.46 -27.79 -40.53
CA LEU A 213 10.34 -27.60 -39.09
C LEU A 213 9.33 -26.53 -38.70
N CYS A 214 8.64 -25.98 -39.70
CA CYS A 214 7.63 -24.94 -39.48
C CYS A 214 8.17 -23.77 -38.68
N LEU A 215 9.41 -23.37 -38.98
CA LEU A 215 10.04 -22.28 -38.28
C LEU A 215 9.46 -20.95 -38.72
N ARG A 216 8.81 -20.23 -37.81
CA ARG A 216 8.25 -18.93 -38.18
C ARG A 216 8.67 -17.84 -37.21
N LEU A 217 8.51 -16.59 -37.65
CA LEU A 217 8.79 -15.43 -36.82
C LEU A 217 7.97 -15.49 -35.55
N GLN A 218 8.65 -15.52 -34.41
CA GLN A 218 7.98 -15.62 -33.13
C GLN A 218 7.87 -14.27 -32.47
N TYR A 219 6.64 -13.86 -32.13
CA TYR A 219 6.42 -12.65 -31.35
C TYR A 219 6.35 -13.01 -29.88
N PRO A 220 6.52 -12.02 -28.98
CA PRO A 220 6.44 -12.36 -27.56
C PRO A 220 5.07 -12.89 -27.19
N ALA A 221 4.99 -13.75 -26.17
CA ALA A 221 3.73 -14.32 -25.76
C ALA A 221 2.76 -13.21 -25.34
N GLY A 222 1.57 -13.22 -25.94
CA GLY A 222 0.56 -12.23 -25.64
C GLY A 222 0.80 -10.91 -26.33
N TYR A 223 1.38 -10.96 -27.52
CA TYR A 223 1.69 -9.75 -28.27
C TYR A 223 0.48 -9.28 -29.06
N PRO A 224 0.14 -7.99 -28.94
CA PRO A 224 -0.96 -7.36 -29.68
C PRO A 224 -0.60 -7.06 -31.14
N ILE B 23 47.39 7.23 9.37
CA ILE B 23 46.26 6.31 9.22
C ILE B 23 45.65 5.95 10.57
N VAL B 24 44.47 5.33 10.54
CA VAL B 24 43.85 4.76 11.72
C VAL B 24 43.60 3.29 11.42
N PRO B 25 43.50 2.45 12.47
CA PRO B 25 43.18 1.05 12.20
C PRO B 25 41.81 0.90 11.53
N SER B 26 41.60 -0.23 10.86
CA SER B 26 40.34 -0.48 10.16
CA SER B 26 40.34 -0.47 10.16
C SER B 26 39.15 -0.50 11.11
N ASN B 27 39.40 -0.81 12.38
CA ASN B 27 38.32 -0.87 13.36
C ASN B 27 38.20 0.42 14.18
N HIS B 28 38.63 1.53 13.59
CA HIS B 28 38.53 2.86 14.20
C HIS B 28 37.09 3.37 14.33
N TYR B 29 36.67 3.69 15.55
CA TYR B 29 35.39 4.37 15.78
C TYR B 29 35.54 5.89 15.70
N GLY B 30 34.55 6.55 15.11
CA GLY B 30 34.54 8.00 15.09
C GLY B 30 35.12 8.62 13.83
N PRO B 31 35.25 9.96 13.81
CA PRO B 31 35.72 10.67 12.61
C PRO B 31 37.13 10.27 12.23
N ILE B 32 37.45 10.37 10.95
CA ILE B 32 38.81 10.15 10.48
C ILE B 32 39.59 11.46 10.61
N PRO B 33 40.73 11.42 11.32
CA PRO B 33 41.55 12.63 11.47
C PRO B 33 41.79 13.29 10.13
N GLY B 34 41.63 14.61 10.08
CA GLY B 34 41.89 15.36 8.86
C GLY B 34 40.77 15.38 7.83
N ILE B 35 39.69 14.64 8.07
CA ILE B 35 38.58 14.60 7.12
C ILE B 35 37.33 15.22 7.74
N PRO B 36 37.06 16.48 7.40
CA PRO B 36 35.92 17.19 7.99
C PRO B 36 34.59 16.77 7.38
N VAL B 37 33.52 16.93 8.16
CA VAL B 37 32.18 16.85 7.65
C VAL B 37 32.06 17.75 6.42
N GLY B 38 31.46 17.23 5.36
CA GLY B 38 31.32 17.98 4.13
C GLY B 38 32.29 17.49 3.06
N SER B 39 33.28 16.71 3.46
CA SER B 39 34.23 16.13 2.51
C SER B 39 33.48 15.26 1.50
N THR B 40 33.92 15.30 0.25
CA THR B 40 33.14 14.71 -0.83
C THR B 40 34.03 14.06 -1.88
N TRP B 41 33.75 12.79 -2.20
CA TRP B 41 34.53 12.04 -3.19
C TRP B 41 33.60 11.50 -4.27
N ARG B 42 34.08 11.47 -5.51
CA ARG B 42 33.26 10.99 -6.61
C ARG B 42 32.92 9.51 -6.49
N PHE B 43 33.91 8.69 -6.16
CA PHE B 43 33.75 7.23 -6.21
C PHE B 43 33.96 6.57 -4.85
N ARG B 44 33.34 5.40 -4.70
CA ARG B 44 33.40 4.68 -3.44
C ARG B 44 34.83 4.27 -3.06
N VAL B 45 35.67 3.95 -4.04
CA VAL B 45 37.05 3.54 -3.74
CA VAL B 45 37.05 3.55 -3.74
C VAL B 45 37.82 4.67 -3.06
N GLN B 46 37.52 5.91 -3.41
CA GLN B 46 38.16 7.07 -2.77
C GLN B 46 37.78 7.16 -1.30
N VAL B 47 36.49 6.92 -1.03
CA VAL B 47 35.96 6.97 0.33
C VAL B 47 36.69 5.89 1.13
N SER B 48 36.95 4.77 0.46
CA SER B 48 37.64 3.65 1.07
CA SER B 48 37.64 3.65 1.07
C SER B 48 39.08 3.99 1.40
N GLU B 49 39.79 4.52 0.40
CA GLU B 49 41.18 4.90 0.57
C GLU B 49 41.37 5.94 1.67
N ALA B 50 40.43 6.87 1.78
CA ALA B 50 40.45 7.86 2.84
C ALA B 50 40.23 7.25 4.22
N GLY B 51 39.73 6.02 4.24
CA GLY B 51 39.48 5.32 5.49
C GLY B 51 38.12 5.64 6.08
N VAL B 52 37.33 6.43 5.38
CA VAL B 52 36.03 6.86 5.88
C VAL B 52 34.99 5.75 5.81
N HIS B 53 35.02 4.99 4.72
CA HIS B 53 34.17 3.82 4.58
C HIS B 53 34.94 2.77 3.81
N ARG B 54 35.49 1.79 4.53
CA ARG B 54 36.46 0.87 3.94
C ARG B 54 35.90 -0.05 2.84
N PRO B 55 34.70 -0.65 3.02
CA PRO B 55 34.22 -1.51 1.94
C PRO B 55 33.97 -0.73 0.64
N HIS B 56 34.37 -1.30 -0.49
CA HIS B 56 34.18 -0.69 -1.81
C HIS B 56 32.75 -0.82 -2.29
N VAL B 57 32.05 -1.84 -1.79
CA VAL B 57 30.72 -2.14 -2.28
C VAL B 57 29.70 -2.14 -1.14
N GLY B 58 29.99 -2.92 -0.12
CA GLY B 58 29.16 -2.99 1.07
C GLY B 58 28.73 -1.64 1.60
N GLY B 59 27.51 -1.58 2.14
CA GLY B 59 26.97 -0.37 2.71
C GLY B 59 27.32 -0.18 4.18
N ILE B 60 27.62 -1.27 4.88
CA ILE B 60 27.99 -1.21 6.29
C ILE B 60 29.41 -1.75 6.51
N HIS B 61 30.26 -0.99 7.20
CA HIS B 61 31.51 -1.57 7.65
C HIS B 61 31.44 -1.88 9.14
N GLY B 62 31.60 -3.14 9.48
CA GLY B 62 31.61 -3.52 10.89
C GLY B 62 32.19 -4.89 11.19
N ARG B 63 32.16 -5.24 12.47
CA ARG B 63 32.51 -6.57 12.91
C ARG B 63 31.41 -7.08 13.83
N SER B 64 30.90 -8.28 13.52
CA SER B 64 29.66 -8.76 14.11
C SER B 64 29.71 -8.99 15.61
N ASN B 65 30.90 -9.03 16.22
CA ASN B 65 30.93 -9.08 17.68
C ASN B 65 31.66 -7.88 18.27
N ASP B 66 31.70 -6.78 17.51
CA ASP B 66 32.29 -5.54 17.98
C ASP B 66 31.27 -4.41 17.83
N GLY B 67 31.09 -3.98 16.58
CA GLY B 67 30.13 -2.93 16.26
C GLY B 67 30.40 -2.47 14.84
N ALA B 68 29.64 -1.47 14.38
CA ALA B 68 29.81 -0.91 13.04
C ALA B 68 30.51 0.44 13.10
N TYR B 69 31.44 0.67 12.18
CA TYR B 69 32.22 1.88 12.18
C TYR B 69 31.68 2.91 11.20
N SER B 70 31.01 2.46 10.13
CA SER B 70 30.56 3.40 9.12
C SER B 70 29.47 2.80 8.24
N LEU B 71 28.66 3.64 7.62
CA LEU B 71 27.68 3.17 6.64
C LEU B 71 27.39 4.18 5.53
N VAL B 72 26.81 3.69 4.43
CA VAL B 72 26.59 4.50 3.24
C VAL B 72 25.08 4.54 2.90
N LEU B 73 24.54 5.74 2.78
CA LEU B 73 23.14 5.95 2.35
C LEU B 73 23.08 6.16 0.86
N ALA B 74 22.65 5.15 0.10
CA ALA B 74 22.69 5.25 -1.36
C ALA B 74 21.35 4.94 -2.01
N GLY B 75 20.28 4.98 -1.23
CA GLY B 75 18.93 4.83 -1.76
C GLY B 75 18.58 3.41 -2.16
N GLY B 76 19.24 2.44 -1.53
CA GLY B 76 19.06 1.05 -1.87
C GLY B 76 17.70 0.49 -1.50
N PHE B 77 17.05 1.07 -0.49
CA PHE B 77 15.73 0.61 -0.08
C PHE B 77 14.70 1.73 -0.20
N ALA B 78 13.66 1.50 -1.00
CA ALA B 78 12.69 2.54 -1.35
C ALA B 78 11.86 3.02 -0.18
N ASP B 79 11.80 2.25 0.89
CA ASP B 79 10.93 2.60 2.02
C ASP B 79 11.69 3.28 3.16
N GLU B 80 12.97 3.57 2.95
CA GLU B 80 13.76 4.31 3.94
C GLU B 80 13.40 5.80 3.93
N VAL B 81 13.57 6.46 5.08
CA VAL B 81 13.31 7.90 5.16
C VAL B 81 14.51 8.66 5.73
N ASP B 82 14.57 9.96 5.46
CA ASP B 82 15.72 10.75 5.86
C ASP B 82 15.32 12.18 6.16
N ARG B 83 15.58 12.62 7.39
CA ARG B 83 15.30 13.98 7.81
C ARG B 83 16.60 14.74 8.13
N GLY B 84 17.72 14.21 7.65
CA GLY B 84 19.01 14.82 7.93
C GLY B 84 19.52 14.47 9.32
N ASP B 85 18.89 15.05 10.35
CA ASP B 85 19.26 14.77 11.73
C ASP B 85 18.95 13.32 12.13
N GLU B 86 17.93 12.74 11.51
CA GLU B 86 17.53 11.36 11.76
C GLU B 86 17.22 10.70 10.42
N PHE B 87 17.45 9.39 10.33
CA PHE B 87 17.09 8.63 9.14
C PHE B 87 16.95 7.16 9.50
N THR B 88 16.15 6.43 8.72
CA THR B 88 16.10 5.00 8.90
C THR B 88 17.00 4.31 7.90
N TYR B 89 17.45 3.12 8.25
CA TYR B 89 18.45 2.42 7.45
C TYR B 89 18.12 0.94 7.47
N THR B 90 18.49 0.23 6.41
CA THR B 90 18.12 -1.16 6.29
C THR B 90 19.33 -2.07 6.33
N GLY B 91 19.19 -3.24 6.97
CA GLY B 91 20.25 -4.21 6.99
C GLY B 91 20.46 -4.85 5.63
N SER B 92 21.28 -5.88 5.56
CA SER B 92 21.55 -6.55 4.29
C SER B 92 21.17 -8.02 4.38
N GLY B 93 21.15 -8.70 3.24
CA GLY B 93 20.78 -10.10 3.18
C GLY B 93 19.35 -10.33 2.73
N SER B 107 16.21 -13.18 -2.21
CA SER B 107 15.25 -12.34 -1.50
C SER B 107 14.52 -13.10 -0.40
N ALA B 108 15.27 -13.62 0.57
CA ALA B 108 14.69 -14.23 1.75
C ALA B 108 14.78 -13.26 2.92
N ASP B 109 14.32 -13.68 4.09
CA ASP B 109 14.30 -12.82 5.26
C ASP B 109 15.71 -12.49 5.75
N GLN B 110 15.89 -11.27 6.24
CA GLN B 110 17.17 -10.89 6.83
C GLN B 110 17.26 -11.44 8.26
N THR B 111 18.48 -11.55 8.77
CA THR B 111 18.70 -12.03 10.14
C THR B 111 19.66 -11.08 10.85
N LEU B 112 19.61 -11.06 12.19
CA LEU B 112 20.50 -10.19 12.96
C LEU B 112 21.85 -10.86 13.14
N THR B 113 22.53 -11.04 12.02
CA THR B 113 23.84 -11.68 11.98
C THR B 113 24.78 -10.81 11.19
N ASN B 114 26.06 -11.15 11.21
CA ASN B 114 27.07 -10.42 10.43
C ASN B 114 26.97 -8.90 10.62
N MET B 115 26.86 -8.15 9.53
CA MET B 115 26.89 -6.68 9.60
C MET B 115 25.63 -6.11 10.26
N ASN B 116 24.51 -6.80 10.10
CA ASN B 116 23.28 -6.38 10.77
C ASN B 116 23.46 -6.46 12.27
N ARG B 117 24.12 -7.53 12.71
CA ARG B 117 24.42 -7.71 14.11
C ARG B 117 25.37 -6.62 14.58
N ALA B 118 26.38 -6.35 13.76
CA ALA B 118 27.38 -5.33 14.09
C ALA B 118 26.73 -3.97 14.35
N LEU B 119 25.87 -3.55 13.43
CA LEU B 119 25.22 -2.26 13.57
C LEU B 119 24.36 -2.22 14.83
N ALA B 120 23.68 -3.32 15.14
CA ALA B 120 22.82 -3.37 16.33
C ALA B 120 23.61 -3.24 17.63
N LEU B 121 24.82 -3.81 17.64
CA LEU B 121 25.67 -3.72 18.83
C LEU B 121 26.03 -2.26 19.19
N ASN B 122 26.01 -1.38 18.20
CA ASN B 122 26.23 0.05 18.44
C ASN B 122 25.14 0.68 19.32
N CYS B 123 23.96 0.10 19.32
CA CYS B 123 22.84 0.61 20.11
C CYS B 123 23.10 0.39 21.61
N ASP B 124 22.86 1.41 22.43
CA ASP B 124 23.03 1.27 23.88
C ASP B 124 21.92 0.44 24.50
N ALA B 125 21.93 -0.87 24.26
CA ALA B 125 20.88 -1.75 24.74
C ALA B 125 21.28 -3.21 24.55
N PRO B 126 20.67 -4.13 25.31
CA PRO B 126 20.96 -5.54 25.06
C PRO B 126 20.61 -5.95 23.64
N LEU B 127 21.40 -6.84 23.06
CA LEU B 127 21.14 -7.35 21.73
C LEU B 127 19.91 -8.25 21.72
N ASP B 128 18.96 -7.98 20.82
CA ASP B 128 17.77 -8.82 20.72
C ASP B 128 17.49 -9.16 19.26
N ASP B 129 17.66 -10.42 18.89
CA ASP B 129 17.48 -10.82 17.49
C ASP B 129 16.07 -11.30 17.19
N LYS B 130 15.12 -10.98 18.05
CA LYS B 130 13.73 -11.39 17.83
C LYS B 130 12.86 -10.17 17.54
N ILE B 131 12.93 -9.18 18.42
CA ILE B 131 12.10 -7.98 18.26
C ILE B 131 12.93 -6.70 18.17
N GLY B 132 14.25 -6.82 18.24
CA GLY B 132 15.12 -5.65 18.26
C GLY B 132 15.10 -4.96 19.63
N ALA B 133 15.58 -3.73 19.67
CA ALA B 133 15.71 -3.02 20.95
C ALA B 133 15.75 -1.52 20.79
N GLU B 134 15.42 -0.81 21.86
CA GLU B 134 15.52 0.63 21.85
C GLU B 134 16.58 1.03 22.87
N SER B 135 17.40 2.01 22.50
CA SER B 135 18.49 2.47 23.36
CA SER B 135 18.48 2.43 23.38
C SER B 135 17.96 3.10 24.64
N ARG B 136 18.70 2.90 25.73
CA ARG B 136 18.33 3.48 27.02
CA ARG B 136 18.34 3.47 27.01
C ARG B 136 18.80 4.93 27.06
N ASN B 137 20.06 5.14 26.75
CA ASN B 137 20.64 6.46 26.63
C ASN B 137 21.27 6.53 25.24
N TRP B 138 20.53 7.05 24.27
CA TRP B 138 20.91 6.87 22.86
C TRP B 138 22.33 7.38 22.57
N ARG B 139 22.72 8.47 23.21
CA ARG B 139 24.04 9.06 22.98
C ARG B 139 25.18 8.20 23.50
N ALA B 140 24.86 7.25 24.37
CA ALA B 140 25.87 6.35 24.92
C ALA B 140 26.22 5.26 23.93
N GLY B 141 25.51 5.20 22.81
CA GLY B 141 25.80 4.20 21.80
C GLY B 141 27.11 4.50 21.11
N LYS B 142 27.64 3.51 20.40
CA LYS B 142 28.88 3.70 19.64
C LYS B 142 28.64 4.53 18.39
N PRO B 143 29.60 5.41 18.07
CA PRO B 143 29.48 6.30 16.91
C PRO B 143 29.60 5.57 15.56
N VAL B 144 28.83 6.04 14.58
CA VAL B 144 28.86 5.52 13.23
C VAL B 144 29.16 6.68 12.28
N ARG B 145 30.17 6.55 11.43
CA ARG B 145 30.38 7.55 10.38
C ARG B 145 29.30 7.38 9.33
N VAL B 146 28.67 8.46 8.89
CA VAL B 146 27.62 8.33 7.89
C VAL B 146 27.99 9.05 6.60
N ILE B 147 27.91 8.31 5.50
CA ILE B 147 28.22 8.83 4.19
C ILE B 147 26.96 8.83 3.34
N ARG B 148 26.55 10.00 2.83
CA ARG B 148 25.43 10.03 1.90
C ARG B 148 25.90 10.06 0.45
N SER B 149 25.39 9.10 -0.32
CA SER B 149 25.63 9.01 -1.75
C SER B 149 24.60 9.77 -2.58
N PHE B 150 25.04 10.32 -3.70
CA PHE B 150 24.15 10.99 -4.65
C PHE B 150 23.06 10.04 -5.16
N LYS B 151 23.32 8.73 -5.08
CA LYS B 151 22.31 7.75 -5.48
C LYS B 151 21.12 7.75 -4.54
N GLY B 152 21.27 8.33 -3.35
CA GLY B 152 20.18 8.36 -2.40
C GLY B 152 19.17 9.46 -2.67
N ARG B 153 19.45 10.29 -3.67
CA ARG B 153 18.59 11.42 -4.00
CA ARG B 153 18.59 11.42 -4.00
C ARG B 153 17.18 10.99 -4.35
N LYS B 154 17.01 9.73 -4.74
CA LYS B 154 15.68 9.26 -5.13
C LYS B 154 14.79 8.95 -3.93
N ILE B 155 15.37 8.85 -2.74
CA ILE B 155 14.52 8.75 -1.56
C ILE B 155 14.81 9.86 -0.54
N SER B 156 15.90 10.60 -0.73
CA SER B 156 16.33 11.61 0.26
C SER B 156 16.65 12.99 -0.29
N LYS B 157 16.10 14.01 0.36
CA LYS B 157 16.36 15.39 -0.01
C LYS B 157 17.71 15.88 0.53
N TYR B 158 18.35 15.06 1.34
CA TYR B 158 19.62 15.43 1.98
C TYR B 158 20.86 14.87 1.28
N ALA B 159 20.65 13.94 0.35
CA ALA B 159 21.75 13.39 -0.44
C ALA B 159 22.45 14.47 -1.25
N PRO B 160 23.78 14.35 -1.44
CA PRO B 160 24.49 15.34 -2.25
C PRO B 160 24.12 15.19 -3.72
N GLU B 161 24.30 16.24 -4.52
CA GLU B 161 24.00 16.16 -5.94
CA GLU B 161 24.00 16.16 -5.94
C GLU B 161 24.97 15.24 -6.67
N GLU B 162 26.21 15.20 -6.19
CA GLU B 162 27.25 14.37 -6.80
C GLU B 162 28.12 13.64 -5.78
N GLY B 163 28.61 12.47 -6.15
CA GLY B 163 29.58 11.75 -5.34
C GLY B 163 29.08 11.32 -3.97
N ASN B 164 30.01 11.16 -3.04
CA ASN B 164 29.73 10.62 -1.71
C ASN B 164 30.21 11.61 -0.67
N ARG B 165 29.34 12.01 0.25
CA ARG B 165 29.67 13.09 1.18
C ARG B 165 29.70 12.58 2.62
N TYR B 166 30.77 12.91 3.35
CA TYR B 166 30.84 12.54 4.76
C TYR B 166 30.02 13.53 5.58
N ASP B 167 29.01 13.01 6.28
CA ASP B 167 28.05 13.87 6.96
C ASP B 167 28.18 13.84 8.47
N GLY B 168 29.11 13.02 8.98
CA GLY B 168 29.44 13.04 10.39
C GLY B 168 28.94 11.86 11.18
N ILE B 169 28.92 12.03 12.49
CA ILE B 169 28.67 10.93 13.42
C ILE B 169 27.19 10.78 13.80
N TYR B 170 26.69 9.55 13.68
CA TYR B 170 25.32 9.22 14.08
C TYR B 170 25.33 8.09 15.09
N LYS B 171 24.21 7.90 15.77
CA LYS B 171 24.08 6.83 16.75
C LYS B 171 22.78 6.08 16.55
N VAL B 172 22.82 4.78 16.82
CA VAL B 172 21.67 3.91 16.63
C VAL B 172 20.72 4.06 17.82
N VAL B 173 19.57 4.68 17.54
CA VAL B 173 18.59 4.93 18.58
C VAL B 173 17.84 3.64 18.90
N LYS B 174 17.52 2.89 17.86
CA LYS B 174 16.81 1.62 18.02
C LYS B 174 16.88 0.84 16.70
N TYR B 175 16.49 -0.42 16.76
CA TYR B 175 16.50 -1.28 15.59
C TYR B 175 15.43 -2.35 15.80
N TRP B 176 14.88 -2.86 14.71
CA TRP B 176 13.73 -3.74 14.80
C TRP B 176 13.51 -4.43 13.45
N PRO B 177 12.88 -5.62 13.47
CA PRO B 177 12.56 -6.29 12.23
C PRO B 177 11.18 -5.90 11.73
N GLU B 178 11.01 -5.88 10.41
CA GLU B 178 9.72 -5.57 9.81
C GLU B 178 9.69 -6.04 8.36
N ILE B 179 8.49 -6.36 7.88
CA ILE B 179 8.29 -6.61 6.45
C ILE B 179 8.50 -5.33 5.65
N SER B 180 9.46 -5.36 4.73
CA SER B 180 9.73 -4.19 3.90
C SER B 180 8.51 -3.84 3.04
N SER B 181 8.05 -2.59 3.15
CA SER B 181 6.88 -2.12 2.43
C SER B 181 7.05 -2.29 0.93
N SER B 182 8.27 -2.07 0.46
CA SER B 182 8.52 -2.00 -0.99
C SER B 182 9.13 -3.26 -1.56
N HIS B 183 9.64 -4.15 -0.70
CA HIS B 183 10.35 -5.32 -1.19
C HIS B 183 9.64 -6.64 -0.81
N GLY B 184 8.88 -6.63 0.29
CA GLY B 184 8.01 -7.74 0.62
C GLY B 184 8.55 -8.80 1.58
N PHE B 185 9.86 -8.81 1.80
CA PHE B 185 10.44 -9.75 2.77
C PHE B 185 10.87 -9.05 4.07
N LEU B 186 11.22 -9.84 5.07
CA LEU B 186 11.63 -9.28 6.36
C LEU B 186 13.00 -8.63 6.28
N VAL B 187 13.10 -7.42 6.80
CA VAL B 187 14.39 -6.76 6.89
C VAL B 187 14.63 -6.29 8.32
N TRP B 188 15.90 -6.01 8.63
CA TRP B 188 16.22 -5.36 9.90
C TRP B 188 16.38 -3.87 9.65
N ARG B 189 15.66 -3.07 10.43
CA ARG B 189 15.65 -1.63 10.21
C ARG B 189 16.27 -0.93 11.40
N TYR B 190 16.84 0.24 11.16
CA TYR B 190 17.57 0.98 12.17
C TYR B 190 17.17 2.44 12.15
N LEU B 191 17.13 3.06 13.31
CA LEU B 191 16.95 4.52 13.40
C LEU B 191 18.25 5.15 13.86
N LEU B 192 18.81 6.03 13.02
CA LEU B 192 20.08 6.70 13.32
C LEU B 192 19.83 8.16 13.66
N ARG B 193 20.55 8.69 14.65
CA ARG B 193 20.37 10.09 15.04
C ARG B 193 21.73 10.75 15.14
N ARG B 194 21.84 11.95 14.59
CA ARG B 194 23.14 12.61 14.51
C ARG B 194 23.62 13.11 15.88
N ASP B 195 24.90 12.94 16.16
CA ASP B 195 25.47 13.41 17.42
C ASP B 195 26.90 13.84 17.14
N ASP B 196 27.05 15.06 16.63
CA ASP B 196 28.32 15.52 16.11
C ASP B 196 28.50 17.01 16.35
N VAL B 197 29.69 17.38 16.85
CA VAL B 197 30.02 18.77 17.13
C VAL B 197 30.20 19.53 15.80
N GLU B 198 30.61 18.80 14.75
CA GLU B 198 30.72 19.37 13.42
C GLU B 198 29.33 19.59 12.81
N PRO B 199 29.05 20.83 12.39
CA PRO B 199 27.70 21.14 11.88
C PRO B 199 27.40 20.38 10.58
N ALA B 200 26.16 19.95 10.43
CA ALA B 200 25.74 19.17 9.25
C ALA B 200 25.87 19.99 7.98
N PRO B 201 26.25 19.32 6.88
CA PRO B 201 26.55 20.03 5.62
C PRO B 201 25.37 20.85 5.06
N TRP B 202 24.12 20.48 5.35
CA TRP B 202 22.98 21.20 4.77
C TRP B 202 22.56 22.41 5.59
N THR B 203 23.09 22.55 6.80
CA THR B 203 22.76 23.71 7.63
C THR B 203 23.51 24.94 7.13
N SER B 204 22.99 26.12 7.45
CA SER B 204 23.65 27.37 7.06
CA SER B 204 23.66 27.36 7.04
C SER B 204 25.08 27.36 7.56
N GLU B 205 25.25 26.91 8.80
CA GLU B 205 26.57 26.86 9.39
C GLU B 205 27.46 25.86 8.65
N GLY B 206 26.91 24.70 8.30
CA GLY B 206 27.69 23.70 7.58
C GLY B 206 28.11 24.19 6.21
N ILE B 207 27.17 24.83 5.52
CA ILE B 207 27.43 25.41 4.21
C ILE B 207 28.55 26.46 4.29
N GLU B 208 28.49 27.34 5.29
CA GLU B 208 29.56 28.32 5.47
C GLU B 208 30.90 27.64 5.73
N ARG B 209 30.88 26.56 6.50
CA ARG B 209 32.13 25.87 6.82
C ARG B 209 32.74 25.20 5.59
N SER B 210 31.91 24.52 4.80
CA SER B 210 32.38 23.90 3.56
C SER B 210 33.03 24.94 2.66
N ARG B 211 32.42 26.12 2.59
CA ARG B 211 32.97 27.19 1.75
C ARG B 211 34.30 27.70 2.33
N ARG B 212 34.31 27.96 3.64
CA ARG B 212 35.50 28.42 4.33
C ARG B 212 36.67 27.45 4.14
N LEU B 213 36.38 26.15 4.16
CA LEU B 213 37.43 25.14 4.04
C LEU B 213 37.67 24.74 2.59
N CYS B 214 36.95 25.39 1.66
CA CYS B 214 37.05 25.08 0.23
C CYS B 214 36.88 23.58 -0.05
N LEU B 215 35.87 22.98 0.56
CA LEU B 215 35.57 21.58 0.31
C LEU B 215 34.96 21.44 -1.08
N ARG B 216 35.53 20.58 -1.91
CA ARG B 216 35.01 20.38 -3.26
C ARG B 216 34.92 18.90 -3.58
N LEU B 217 34.07 18.55 -4.55
CA LEU B 217 34.00 17.19 -5.04
C LEU B 217 35.41 16.76 -5.49
N GLN B 218 35.92 15.69 -4.88
CA GLN B 218 37.25 15.21 -5.22
C GLN B 218 37.18 14.04 -6.17
N TYR B 219 37.83 14.17 -7.33
CA TYR B 219 37.99 13.08 -8.28
C TYR B 219 39.31 12.36 -8.02
N PRO B 220 39.45 11.11 -8.48
CA PRO B 220 40.71 10.38 -8.29
C PRO B 220 41.90 11.10 -8.94
N ALA B 221 43.09 10.89 -8.38
CA ALA B 221 44.29 11.51 -8.92
C ALA B 221 44.48 11.13 -10.39
N GLY B 222 44.47 12.13 -11.25
CA GLY B 222 44.66 11.92 -12.68
C GLY B 222 43.39 11.52 -13.41
N TYR B 223 42.28 12.18 -13.10
CA TYR B 223 41.01 11.87 -13.75
C TYR B 223 40.75 12.83 -14.90
N PRO B 224 40.15 12.33 -15.99
CA PRO B 224 39.77 13.12 -17.17
C PRO B 224 39.06 14.43 -16.84
N CYS E 21 -40.63 8.79 23.79
CA CYS E 21 -41.56 8.12 24.72
C CYS E 21 -40.81 7.44 25.86
N THR E 22 -41.27 7.71 27.09
CA THR E 22 -40.63 7.16 28.27
C THR E 22 -41.58 6.31 29.10
N ILE E 23 -42.88 6.39 28.80
CA ILE E 23 -43.88 5.65 29.55
C ILE E 23 -43.60 4.15 29.46
N VAL E 24 -43.20 3.67 28.29
CA VAL E 24 -42.78 2.27 28.13
C VAL E 24 -41.43 2.18 27.42
N PRO E 25 -40.71 1.07 27.64
CA PRO E 25 -39.41 0.89 26.95
C PRO E 25 -39.57 0.70 25.44
N SER E 26 -38.49 0.89 24.71
CA SER E 26 -38.54 0.81 23.25
CA SER E 26 -38.54 0.81 23.25
C SER E 26 -38.90 -0.59 22.75
N ASN E 27 -38.61 -1.62 23.55
CA ASN E 27 -38.90 -2.99 23.14
C ASN E 27 -40.23 -3.52 23.70
N HIS E 28 -41.14 -2.61 24.00
CA HIS E 28 -42.46 -2.95 24.54
C HIS E 28 -43.40 -3.57 23.49
N TYR E 29 -43.93 -4.76 23.80
CA TYR E 29 -44.93 -5.40 22.94
C TYR E 29 -46.33 -4.98 23.35
N GLY E 30 -47.21 -4.78 22.38
CA GLY E 30 -48.60 -4.48 22.66
C GLY E 30 -48.96 -3.01 22.53
N PRO E 31 -50.22 -2.68 22.86
CA PRO E 31 -50.67 -1.28 22.75
C PRO E 31 -49.86 -0.36 23.66
N ILE E 32 -49.72 0.89 23.24
CA ILE E 32 -49.12 1.92 24.09
C ILE E 32 -50.16 2.47 25.06
N PRO E 33 -49.86 2.43 26.36
CA PRO E 33 -50.83 2.94 27.35
C PRO E 33 -51.31 4.35 27.03
N GLY E 34 -52.63 4.55 27.03
CA GLY E 34 -53.18 5.88 26.84
C GLY E 34 -53.40 6.24 25.38
N ILE E 35 -53.04 5.36 24.46
CA ILE E 35 -53.21 5.61 23.04
CA ILE E 35 -53.19 5.60 23.03
C ILE E 35 -54.15 4.58 22.41
N PRO E 36 -55.42 4.97 22.26
CA PRO E 36 -56.48 4.11 21.72
C PRO E 36 -56.37 3.91 20.21
N VAL E 37 -56.83 2.75 19.76
CA VAL E 37 -57.12 2.52 18.35
C VAL E 37 -57.90 3.71 17.79
N GLY E 38 -57.52 4.18 16.62
CA GLY E 38 -58.17 5.33 16.01
C GLY E 38 -57.35 6.58 16.15
N SER E 39 -56.34 6.56 17.02
CA SER E 39 -55.48 7.73 17.23
C SER E 39 -54.74 8.01 15.92
N THR E 40 -54.60 9.28 15.58
CA THR E 40 -54.10 9.67 14.26
C THR E 40 -53.17 10.87 14.38
N TRP E 41 -52.02 10.79 13.71
CA TRP E 41 -51.03 11.85 13.68
C TRP E 41 -50.63 12.17 12.25
N ARG E 42 -50.41 13.45 11.95
CA ARG E 42 -50.04 13.85 10.60
C ARG E 42 -48.71 13.27 10.13
N PHE E 43 -47.69 13.32 10.99
CA PHE E 43 -46.35 12.94 10.57
C PHE E 43 -45.76 11.75 11.34
N ARG E 44 -44.89 11.04 10.66
CA ARG E 44 -44.25 9.86 11.23
C ARG E 44 -43.52 10.15 12.55
N VAL E 45 -42.94 11.34 12.68
CA VAL E 45 -42.17 11.65 13.89
C VAL E 45 -43.09 11.74 15.13
N GLN E 46 -44.32 12.17 14.93
CA GLN E 46 -45.30 12.18 16.02
C GLN E 46 -45.62 10.78 16.48
N VAL E 47 -45.77 9.87 15.51
CA VAL E 47 -46.04 8.48 15.82
C VAL E 47 -44.87 7.91 16.62
N SER E 48 -43.68 8.37 16.30
CA SER E 48 -42.47 7.92 17.00
CA SER E 48 -42.48 7.92 17.00
C SER E 48 -42.45 8.46 18.42
N GLU E 49 -42.71 9.75 18.58
CA GLU E 49 -42.69 10.37 19.90
C GLU E 49 -43.76 9.79 20.83
N ALA E 50 -44.87 9.32 20.24
CA ALA E 50 -45.93 8.70 21.04
C ALA E 50 -45.54 7.32 21.53
N GLY E 51 -44.45 6.79 20.97
CA GLY E 51 -44.01 5.44 21.28
C GLY E 51 -44.70 4.36 20.44
N VAL E 52 -45.61 4.78 19.57
CA VAL E 52 -46.40 3.83 18.78
C VAL E 52 -45.57 3.14 17.70
N HIS E 53 -44.70 3.90 17.05
CA HIS E 53 -43.80 3.35 16.03
C HIS E 53 -42.50 4.14 16.04
N ARG E 54 -41.51 3.63 16.73
CA ARG E 54 -40.31 4.40 17.05
C ARG E 54 -39.50 4.88 15.82
N PRO E 55 -39.29 4.02 14.80
CA PRO E 55 -38.51 4.53 13.66
C PRO E 55 -39.19 5.70 12.95
N HIS E 56 -38.42 6.70 12.52
CA HIS E 56 -38.96 7.86 11.83
C HIS E 56 -39.21 7.56 10.35
N VAL E 57 -38.46 6.60 9.82
CA VAL E 57 -38.50 6.30 8.41
C VAL E 57 -38.90 4.86 8.14
N GLY E 58 -38.17 3.91 8.74
CA GLY E 58 -38.39 2.50 8.49
C GLY E 58 -39.80 2.04 8.77
N GLY E 59 -40.24 1.03 8.00
CA GLY E 59 -41.59 0.51 8.11
C GLY E 59 -41.79 -0.47 9.25
N ILE E 60 -40.71 -1.11 9.71
CA ILE E 60 -40.81 -2.11 10.77
C ILE E 60 -39.92 -1.74 11.93
N HIS E 61 -40.48 -1.76 13.15
CA HIS E 61 -39.63 -1.67 14.34
C HIS E 61 -39.49 -3.04 14.98
N GLY E 62 -38.25 -3.51 15.08
CA GLY E 62 -38.00 -4.79 15.74
C GLY E 62 -36.54 -4.99 16.10
N ARG E 63 -36.27 -6.12 16.74
CA ARG E 63 -34.91 -6.54 17.00
C ARG E 63 -34.73 -7.97 16.53
N SER E 64 -33.71 -8.20 15.71
CA SER E 64 -33.58 -9.42 14.91
C SER E 64 -33.52 -10.72 15.70
N ASN E 65 -33.24 -10.66 17.00
CA ASN E 65 -33.28 -11.87 17.81
C ASN E 65 -34.28 -11.77 18.97
N ASP E 66 -35.27 -10.90 18.80
CA ASP E 66 -36.35 -10.77 19.78
C ASP E 66 -37.68 -10.91 19.04
N GLY E 67 -38.05 -9.85 18.33
CA GLY E 67 -39.27 -9.85 17.55
C GLY E 67 -39.58 -8.44 17.12
N ALA E 68 -40.72 -8.25 16.48
CA ALA E 68 -41.12 -6.95 15.96
C ALA E 68 -42.25 -6.35 16.79
N TYR E 69 -42.15 -5.06 17.08
CA TYR E 69 -43.12 -4.41 17.94
C TYR E 69 -44.17 -3.61 17.18
N SER E 70 -43.84 -3.16 15.97
CA SER E 70 -44.78 -2.34 15.22
C SER E 70 -44.41 -2.23 13.74
N LEU E 71 -45.40 -1.93 12.90
CA LEU E 71 -45.10 -1.70 11.50
C LEU E 71 -46.04 -0.65 10.89
N VAL E 72 -45.61 -0.07 9.77
CA VAL E 72 -46.39 0.97 9.12
C VAL E 72 -46.79 0.53 7.73
N LEU E 73 -48.07 0.65 7.40
CA LEU E 73 -48.57 0.33 6.06
C LEU E 73 -48.69 1.60 5.24
N ALA E 74 -47.77 1.82 4.32
CA ALA E 74 -47.74 3.11 3.61
C ALA E 74 -47.67 2.96 2.09
N GLY E 75 -48.14 1.83 1.58
CA GLY E 75 -48.26 1.62 0.15
C GLY E 75 -46.95 1.45 -0.61
N GLY E 76 -45.87 1.14 0.09
CA GLY E 76 -44.57 1.00 -0.56
C GLY E 76 -44.46 -0.14 -1.57
N PHE E 77 -45.32 -1.15 -1.45
CA PHE E 77 -45.29 -2.28 -2.38
C PHE E 77 -46.62 -2.47 -3.09
N ALA E 78 -46.60 -2.35 -4.42
CA ALA E 78 -47.82 -2.36 -5.23
C ALA E 78 -48.62 -3.65 -5.15
N ASP E 79 -47.98 -4.75 -4.76
CA ASP E 79 -48.64 -6.05 -4.82
C ASP E 79 -49.19 -6.53 -3.48
N GLU E 80 -49.08 -5.68 -2.45
CA GLU E 80 -49.68 -5.98 -1.15
C GLU E 80 -51.20 -5.88 -1.22
N VAL E 81 -51.89 -6.65 -0.39
CA VAL E 81 -53.36 -6.54 -0.29
C VAL E 81 -53.79 -6.29 1.15
N ASP E 82 -55.01 -5.79 1.30
CA ASP E 82 -55.50 -5.36 2.61
C ASP E 82 -57.01 -5.52 2.67
N ARG E 83 -57.47 -6.33 3.63
CA ARG E 83 -58.89 -6.54 3.86
C ARG E 83 -59.29 -6.04 5.24
N GLY E 84 -58.45 -5.21 5.85
CA GLY E 84 -58.75 -4.68 7.18
C GLY E 84 -58.40 -5.65 8.30
N ASP E 85 -59.19 -6.71 8.46
CA ASP E 85 -58.91 -7.73 9.48
C ASP E 85 -57.62 -8.49 9.16
N GLU E 86 -57.27 -8.57 7.89
CA GLU E 86 -56.09 -9.27 7.42
C GLU E 86 -55.42 -8.45 6.34
N PHE E 87 -54.10 -8.53 6.24
CA PHE E 87 -53.41 -7.88 5.14
C PHE E 87 -52.10 -8.58 4.87
N THR E 88 -51.56 -8.40 3.66
CA THR E 88 -50.19 -8.86 3.46
C THR E 88 -49.24 -7.68 3.56
N TYR E 89 -48.01 -7.99 3.99
CA TYR E 89 -46.98 -7.00 4.27
C TYR E 89 -45.67 -7.52 3.73
N THR E 90 -44.78 -6.60 3.38
CA THR E 90 -43.54 -6.95 2.74
C THR E 90 -42.35 -6.52 3.59
N GLY E 91 -41.32 -7.35 3.61
CA GLY E 91 -40.10 -7.00 4.31
C GLY E 91 -39.40 -5.83 3.64
N SER E 92 -38.30 -5.39 4.24
CA SER E 92 -37.53 -4.28 3.68
C SER E 92 -36.23 -4.82 3.11
N GLY E 93 -35.44 -3.92 2.54
CA GLY E 93 -34.16 -4.29 1.96
C GLY E 93 -34.28 -4.62 0.49
N GLY E 94 -33.16 -5.01 -0.11
CA GLY E 94 -33.13 -5.31 -1.52
C GLY E 94 -33.25 -4.06 -2.39
N LYS E 95 -32.73 -2.94 -1.88
CA LYS E 95 -32.76 -1.68 -2.59
C LYS E 95 -31.38 -1.03 -2.61
N ARG E 102 -32.27 7.71 2.00
CA ARG E 102 -32.97 6.93 3.02
C ARG E 102 -33.93 5.92 2.37
N ILE E 103 -34.52 6.28 1.24
CA ILE E 103 -35.36 5.35 0.48
C ILE E 103 -34.80 5.17 -0.92
N GLY E 104 -34.69 3.91 -1.36
CA GLY E 104 -34.06 3.60 -2.63
C GLY E 104 -34.90 2.80 -3.61
N ALA E 105 -34.26 2.41 -4.72
CA ALA E 105 -34.93 1.70 -5.81
C ALA E 105 -34.72 0.19 -5.74
N PRO E 106 -35.77 -0.59 -6.08
CA PRO E 106 -35.79 -2.05 -6.10
C PRO E 106 -34.63 -2.66 -6.91
N SER E 107 -33.72 -3.38 -6.26
CA SER E 107 -32.46 -3.76 -6.92
C SER E 107 -31.90 -5.16 -6.64
N ALA E 108 -32.26 -5.78 -5.52
CA ALA E 108 -31.73 -7.10 -5.18
C ALA E 108 -32.67 -7.88 -4.27
N ASP E 109 -32.39 -9.17 -4.05
CA ASP E 109 -33.28 -10.02 -3.27
C ASP E 109 -33.26 -9.70 -1.77
N GLN E 110 -34.43 -9.79 -1.13
CA GLN E 110 -34.50 -9.61 0.31
C GLN E 110 -34.01 -10.87 1.03
N THR E 111 -33.58 -10.71 2.27
CA THR E 111 -33.17 -11.85 3.10
C THR E 111 -33.92 -11.84 4.42
N LEU E 112 -34.04 -13.01 5.06
CA LEU E 112 -34.67 -13.09 6.37
C LEU E 112 -33.68 -12.69 7.45
N THR E 113 -33.31 -11.43 7.46
CA THR E 113 -32.34 -10.88 8.41
C THR E 113 -32.89 -9.60 8.98
N ASN E 114 -32.19 -9.03 9.96
CA ASN E 114 -32.58 -7.75 10.54
C ASN E 114 -34.09 -7.70 10.86
N MET E 115 -34.78 -6.66 10.38
CA MET E 115 -36.18 -6.45 10.72
C MET E 115 -37.10 -7.53 10.14
N ASN E 116 -36.73 -8.07 9.00
CA ASN E 116 -37.50 -9.13 8.38
C ASN E 116 -37.52 -10.36 9.29
N ARG E 117 -36.34 -10.67 9.83
CA ARG E 117 -36.18 -11.78 10.77
C ARG E 117 -36.99 -11.53 12.03
N ALA E 118 -36.92 -10.30 12.53
CA ALA E 118 -37.69 -9.92 13.73
C ALA E 118 -39.18 -10.20 13.54
N LEU E 119 -39.75 -9.73 12.43
CA LEU E 119 -41.17 -9.88 12.20
C LEU E 119 -41.51 -11.37 12.11
N ALA E 120 -40.63 -12.15 11.47
CA ALA E 120 -40.86 -13.58 11.35
C ALA E 120 -40.87 -14.25 12.71
N LEU E 121 -40.03 -13.77 13.61
CA LEU E 121 -39.98 -14.34 14.96
C LEU E 121 -41.30 -14.16 15.73
N ASN E 122 -42.12 -13.20 15.32
CA ASN E 122 -43.43 -13.02 15.96
C ASN E 122 -44.37 -14.18 15.67
N CYS E 123 -44.13 -14.88 14.57
CA CYS E 123 -44.99 -16.00 14.16
C CYS E 123 -44.83 -17.17 15.13
N ASP E 124 -45.94 -17.80 15.51
CA ASP E 124 -45.88 -18.98 16.39
C ASP E 124 -45.42 -20.21 15.61
N ALA E 125 -44.13 -20.27 15.30
CA ALA E 125 -43.59 -21.35 14.49
C ALA E 125 -42.07 -21.25 14.46
N PRO E 126 -41.38 -22.38 14.22
CA PRO E 126 -39.92 -22.30 14.07
C PRO E 126 -39.50 -21.36 12.95
N LEU E 127 -38.42 -20.60 13.16
CA LEU E 127 -37.90 -19.72 12.11
C LEU E 127 -37.41 -20.54 10.92
N ASP E 128 -37.83 -20.18 9.71
CA ASP E 128 -37.33 -20.84 8.51
C ASP E 128 -36.98 -19.85 7.40
N ASP E 129 -35.70 -19.66 7.12
CA ASP E 129 -35.28 -18.67 6.13
C ASP E 129 -35.13 -19.21 4.69
N LYS E 130 -35.67 -20.40 4.44
CA LYS E 130 -35.68 -20.93 3.08
C LYS E 130 -37.08 -20.83 2.49
N ILE E 131 -38.06 -21.38 3.20
CA ILE E 131 -39.42 -21.43 2.68
C ILE E 131 -40.43 -20.71 3.58
N GLY E 132 -39.98 -20.15 4.69
CA GLY E 132 -40.91 -19.51 5.62
C GLY E 132 -41.65 -20.53 6.46
N ALA E 133 -42.71 -20.09 7.13
CA ALA E 133 -43.44 -20.96 8.04
C ALA E 133 -44.87 -20.46 8.26
N GLU E 134 -45.73 -21.36 8.70
CA GLU E 134 -47.11 -21.02 9.03
C GLU E 134 -47.34 -21.33 10.49
N SER E 135 -47.95 -20.38 11.20
CA SER E 135 -48.21 -20.51 12.62
CA SER E 135 -48.16 -20.54 12.63
C SER E 135 -49.01 -21.76 12.97
N ARG E 136 -48.71 -22.34 14.12
CA ARG E 136 -49.45 -23.49 14.60
CA ARG E 136 -49.44 -23.49 14.61
C ARG E 136 -50.73 -22.99 15.26
N ASN E 137 -50.57 -22.06 16.18
CA ASN E 137 -51.67 -21.39 16.84
C ASN E 137 -51.45 -19.88 16.63
N TRP E 138 -52.11 -19.31 15.62
CA TRP E 138 -51.75 -17.97 15.17
C TRP E 138 -51.86 -16.92 16.29
N ARG E 139 -52.84 -17.06 17.17
CA ARG E 139 -53.01 -16.09 18.26
CA ARG E 139 -53.02 -16.10 18.26
C ARG E 139 -51.91 -16.18 19.32
N ALA E 140 -51.15 -17.27 19.31
CA ALA E 140 -50.05 -17.42 20.25
C ALA E 140 -48.83 -16.62 19.79
N GLY E 141 -48.92 -16.03 18.60
CA GLY E 141 -47.82 -15.22 18.11
C GLY E 141 -47.68 -13.95 18.93
N LYS E 142 -46.53 -13.29 18.82
CA LYS E 142 -46.33 -12.03 19.50
C LYS E 142 -47.07 -10.91 18.79
N PRO E 143 -47.63 -9.97 19.57
CA PRO E 143 -48.45 -8.89 19.01
C PRO E 143 -47.63 -7.82 18.28
N VAL E 144 -48.20 -7.28 17.21
CA VAL E 144 -47.61 -6.19 16.42
CA VAL E 144 -47.58 -6.16 16.50
C VAL E 144 -48.56 -5.00 16.40
N ARG E 145 -48.09 -3.83 16.79
CA ARG E 145 -48.89 -2.61 16.60
C ARG E 145 -48.92 -2.29 15.12
N VAL E 146 -50.10 -2.00 14.59
CA VAL E 146 -50.20 -1.70 13.16
C VAL E 146 -50.69 -0.28 12.93
N ILE E 147 -49.94 0.43 12.11
CA ILE E 147 -50.24 1.81 11.78
C ILE E 147 -50.50 1.90 10.27
N ARG E 148 -51.69 2.37 9.87
CA ARG E 148 -51.95 2.61 8.47
C ARG E 148 -51.76 4.08 8.13
N SER E 149 -50.96 4.31 7.08
CA SER E 149 -50.66 5.62 6.54
C SER E 149 -51.59 5.99 5.37
N PHE E 150 -51.90 7.28 5.25
CA PHE E 150 -52.72 7.77 4.14
C PHE E 150 -52.07 7.47 2.80
N LYS E 151 -50.75 7.29 2.81
CA LYS E 151 -50.01 6.93 1.61
C LYS E 151 -50.38 5.53 1.12
N GLY E 152 -50.99 4.73 2.00
CA GLY E 152 -51.41 3.40 1.62
C GLY E 152 -52.70 3.34 0.80
N ARG E 153 -53.37 4.47 0.60
CA ARG E 153 -54.63 4.53 -0.14
CA ARG E 153 -54.64 4.45 -0.12
C ARG E 153 -54.45 4.07 -1.60
N LYS E 154 -53.21 4.07 -2.07
CA LYS E 154 -52.94 3.65 -3.44
C LYS E 154 -52.97 2.13 -3.58
N ILE E 155 -53.03 1.40 -2.48
CA ILE E 155 -53.25 -0.03 -2.57
C ILE E 155 -54.36 -0.51 -1.65
N SER E 156 -54.75 0.31 -0.68
CA SER E 156 -55.71 -0.13 0.34
C SER E 156 -56.88 0.82 0.58
N LYS E 157 -58.08 0.25 0.68
CA LYS E 157 -59.26 1.07 0.96
CA LYS E 157 -59.29 1.01 0.96
C LYS E 157 -59.47 1.25 2.46
N TYR E 158 -58.57 0.69 3.26
CA TYR E 158 -58.68 0.83 4.72
C TYR E 158 -57.75 1.91 5.28
N ALA E 159 -56.83 2.39 4.45
CA ALA E 159 -55.94 3.47 4.86
C ALA E 159 -56.73 4.74 5.18
N PRO E 160 -56.28 5.51 6.18
CA PRO E 160 -57.00 6.75 6.52
C PRO E 160 -56.83 7.81 5.43
N GLU E 161 -57.71 8.80 5.40
CA GLU E 161 -57.62 9.87 4.41
C GLU E 161 -56.39 10.73 4.64
N GLU E 162 -56.05 10.96 5.91
CA GLU E 162 -54.92 11.80 6.27
C GLU E 162 -54.07 11.17 7.35
N GLY E 163 -52.79 11.50 7.33
CA GLY E 163 -51.86 11.10 8.39
C GLY E 163 -51.71 9.62 8.63
N ASN E 164 -51.41 9.27 9.86
CA ASN E 164 -51.01 7.93 10.26
C ASN E 164 -51.92 7.48 11.40
N ARG E 165 -52.63 6.37 11.21
CA ARG E 165 -53.65 5.97 12.17
C ARG E 165 -53.28 4.66 12.85
N TYR E 166 -53.36 4.63 14.18
CA TYR E 166 -53.10 3.39 14.91
C TYR E 166 -54.34 2.48 14.89
N ASP E 167 -54.18 1.29 14.32
CA ASP E 167 -55.33 0.43 14.03
C ASP E 167 -55.41 -0.81 14.93
N GLY E 168 -54.44 -0.97 15.82
CA GLY E 168 -54.52 -2.02 16.81
C GLY E 168 -53.52 -3.13 16.59
N ILE E 169 -53.78 -4.25 17.25
CA ILE E 169 -52.84 -5.35 17.37
C ILE E 169 -53.09 -6.43 16.34
N TYR E 170 -52.05 -6.84 15.62
CA TYR E 170 -52.14 -7.95 14.68
C TYR E 170 -51.11 -9.02 15.02
N LYS E 171 -51.29 -10.21 14.46
CA LYS E 171 -50.38 -11.33 14.65
C LYS E 171 -49.91 -11.85 13.29
N VAL E 172 -48.69 -12.37 13.24
CA VAL E 172 -48.17 -12.95 12.00
C VAL E 172 -48.66 -14.40 11.87
N VAL E 173 -49.54 -14.63 10.90
CA VAL E 173 -50.14 -15.93 10.66
C VAL E 173 -49.17 -16.83 9.95
N LYS E 174 -48.45 -16.26 8.99
CA LYS E 174 -47.46 -17.01 8.20
C LYS E 174 -46.58 -16.03 7.47
N TYR E 175 -45.48 -16.52 6.92
CA TYR E 175 -44.57 -15.72 6.14
C TYR E 175 -43.85 -16.62 5.17
N TRP E 176 -43.41 -16.06 4.05
CA TRP E 176 -42.87 -16.87 2.96
C TRP E 176 -42.13 -15.96 1.97
N PRO E 177 -41.15 -16.52 1.25
CA PRO E 177 -40.45 -15.76 0.22
C PRO E 177 -41.14 -15.89 -1.14
N GLU E 178 -41.10 -14.84 -1.95
CA GLU E 178 -41.71 -14.88 -3.28
C GLU E 178 -41.17 -13.78 -4.18
N ILE E 179 -41.16 -14.04 -5.49
CA ILE E 179 -40.84 -13.02 -6.48
C ILE E 179 -41.95 -11.97 -6.52
N SER E 180 -41.59 -10.73 -6.25
CA SER E 180 -42.57 -9.64 -6.26
C SER E 180 -43.17 -9.47 -7.66
N SER E 181 -44.50 -9.45 -7.72
CA SER E 181 -45.22 -9.30 -8.99
C SER E 181 -44.99 -7.93 -9.63
N SER E 182 -44.43 -7.00 -8.88
CA SER E 182 -44.28 -5.64 -9.35
C SER E 182 -42.82 -5.15 -9.32
N HIS E 183 -41.93 -5.98 -8.81
CA HIS E 183 -40.52 -5.62 -8.73
C HIS E 183 -39.65 -6.58 -9.54
N GLY E 184 -39.91 -7.87 -9.38
CA GLY E 184 -39.15 -8.89 -10.09
C GLY E 184 -38.06 -9.52 -9.25
N PHE E 185 -37.83 -9.00 -8.06
CA PHE E 185 -36.88 -9.65 -7.15
C PHE E 185 -37.59 -10.27 -5.95
N LEU E 186 -36.89 -11.17 -5.26
CA LEU E 186 -37.44 -11.88 -4.11
C LEU E 186 -37.73 -10.94 -2.95
N VAL E 187 -38.93 -11.06 -2.39
CA VAL E 187 -39.24 -10.38 -1.15
C VAL E 187 -39.71 -11.39 -0.10
N TRP E 188 -39.64 -10.99 1.16
CA TRP E 188 -40.28 -11.78 2.20
C TRP E 188 -41.66 -11.21 2.44
N ARG E 189 -42.67 -12.07 2.42
CA ARG E 189 -44.05 -11.62 2.57
C ARG E 189 -44.62 -12.14 3.87
N TYR E 190 -45.53 -11.38 4.45
CA TYR E 190 -46.15 -11.73 5.72
C TYR E 190 -47.65 -11.61 5.63
N LEU E 191 -48.37 -12.51 6.30
CA LEU E 191 -49.82 -12.39 6.46
C LEU E 191 -50.12 -11.99 7.89
N LEU E 192 -50.71 -10.81 8.06
CA LEU E 192 -51.04 -10.30 9.39
C LEU E 192 -52.54 -10.43 9.64
N ARG E 193 -52.93 -10.79 10.86
CA ARG E 193 -54.35 -10.90 11.19
C ARG E 193 -54.64 -10.19 12.50
N ARG E 194 -55.75 -9.46 12.56
CA ARG E 194 -56.06 -8.63 13.72
C ARG E 194 -56.50 -9.48 14.91
N ASP E 195 -55.99 -9.13 16.09
CA ASP E 195 -56.37 -9.81 17.33
C ASP E 195 -56.36 -8.73 18.42
N ASP E 196 -57.47 -8.01 18.52
CA ASP E 196 -57.56 -6.84 19.38
C ASP E 196 -58.98 -6.68 19.92
N VAL E 197 -59.07 -6.44 21.23
CA VAL E 197 -60.32 -6.20 21.92
C VAL E 197 -60.90 -4.82 21.54
N GLU E 198 -60.03 -3.87 21.17
CA GLU E 198 -60.47 -2.58 20.66
C GLU E 198 -60.99 -2.73 19.23
N PRO E 199 -62.20 -2.21 18.96
CA PRO E 199 -62.80 -2.39 17.64
C PRO E 199 -62.03 -1.63 16.55
N ALA E 200 -61.94 -2.22 15.36
CA ALA E 200 -61.21 -1.60 14.24
C ALA E 200 -61.84 -0.28 13.84
N PRO E 201 -61.00 0.71 13.47
CA PRO E 201 -61.47 2.07 13.20
C PRO E 201 -62.50 2.17 12.07
N TRP E 202 -62.51 1.23 11.13
CA TRP E 202 -63.45 1.31 10.00
C TRP E 202 -64.80 0.66 10.29
N THR E 203 -64.93 -0.03 11.42
CA THR E 203 -66.21 -0.64 11.79
C THR E 203 -67.14 0.38 12.39
N SER E 204 -68.45 0.15 12.31
CA SER E 204 -69.43 1.07 12.88
CA SER E 204 -69.40 1.11 12.86
C SER E 204 -69.11 1.31 14.34
N GLU E 205 -68.66 0.26 15.01
CA GLU E 205 -68.36 0.37 16.43
C GLU E 205 -67.12 1.23 16.66
N GLY E 206 -66.08 1.02 15.85
CA GLY E 206 -64.86 1.80 15.94
C GLY E 206 -65.09 3.27 15.60
N ILE E 207 -65.95 3.50 14.61
CA ILE E 207 -66.33 4.85 14.23
C ILE E 207 -67.05 5.57 15.38
N GLU E 208 -67.99 4.89 16.03
CA GLU E 208 -68.65 5.47 17.17
C GLU E 208 -67.66 5.77 18.30
N ARG E 209 -66.72 4.86 18.51
CA ARG E 209 -65.75 5.04 19.58
C ARG E 209 -64.83 6.22 19.31
N SER E 210 -64.35 6.33 18.08
CA SER E 210 -63.51 7.48 17.73
C SER E 210 -64.26 8.78 17.95
N ARG E 211 -65.56 8.81 17.62
CA ARG E 211 -66.36 10.00 17.84
CA ARG E 211 -66.35 10.02 17.84
C ARG E 211 -66.52 10.27 19.33
N ARG E 212 -66.89 9.23 20.07
CA ARG E 212 -67.06 9.32 21.52
C ARG E 212 -65.79 9.84 22.21
N LEU E 213 -64.63 9.40 21.74
CA LEU E 213 -63.37 9.81 22.38
C LEU E 213 -62.79 11.06 21.73
N CYS E 214 -63.50 11.63 20.76
CA CYS E 214 -63.07 12.86 20.09
C CYS E 214 -61.68 12.74 19.46
N LEU E 215 -61.40 11.60 18.84
CA LEU E 215 -60.13 11.39 18.19
C LEU E 215 -60.07 12.25 16.94
N ARG E 216 -59.00 13.03 16.81
CA ARG E 216 -58.83 13.91 15.67
C ARG E 216 -57.41 13.79 15.13
N LEU E 217 -57.25 14.10 13.85
CA LEU E 217 -55.93 14.23 13.26
C LEU E 217 -55.11 15.20 14.10
N GLN E 218 -53.97 14.74 14.59
CA GLN E 218 -53.13 15.58 15.43
C GLN E 218 -51.93 16.09 14.68
N TYR E 219 -51.77 17.41 14.68
CA TYR E 219 -50.59 18.08 14.13
C TYR E 219 -49.62 18.37 15.26
N PRO E 220 -48.32 18.56 14.94
CA PRO E 220 -47.33 18.90 15.97
C PRO E 220 -47.68 20.21 16.69
N ALA E 221 -47.26 20.35 17.94
CA ALA E 221 -47.54 21.57 18.70
C ALA E 221 -47.07 22.82 17.96
N GLY E 222 -47.98 23.77 17.80
CA GLY E 222 -47.69 25.03 17.14
C GLY E 222 -47.41 24.88 15.66
N TYR E 223 -48.31 24.22 14.95
CA TYR E 223 -48.11 23.94 13.53
C TYR E 223 -48.83 24.97 12.66
N PRO E 224 -48.20 25.34 11.52
CA PRO E 224 -48.86 26.16 10.49
C PRO E 224 -49.98 25.40 9.78
N CYS F 21 -3.57 -8.26 16.10
CA CYS F 21 -2.14 -8.09 15.84
C CYS F 21 -1.29 -8.69 16.96
N THR F 22 -0.46 -9.66 16.60
CA THR F 22 0.43 -10.29 17.56
C THR F 22 1.87 -9.99 17.17
N ILE F 23 2.05 -9.09 16.21
CA ILE F 23 3.39 -8.64 15.82
C ILE F 23 4.03 -7.91 16.99
N VAL F 24 3.25 -7.05 17.63
CA VAL F 24 3.67 -6.33 18.83
C VAL F 24 2.60 -6.46 19.90
N PRO F 25 2.96 -6.30 21.18
CA PRO F 25 1.94 -6.36 22.22
C PRO F 25 0.94 -5.20 22.10
N SER F 26 -0.17 -5.28 22.83
CA SER F 26 -1.21 -4.26 22.75
CA SER F 26 -1.21 -4.26 22.74
C SER F 26 -0.77 -2.95 23.38
N ASN F 27 0.20 -3.01 24.29
CA ASN F 27 0.70 -1.81 24.93
C ASN F 27 1.99 -1.30 24.28
N HIS F 28 2.16 -1.63 23.00
CA HIS F 28 3.29 -1.15 22.22
C HIS F 28 3.26 0.36 21.95
N TYR F 29 4.32 1.06 22.35
CA TYR F 29 4.49 2.48 22.01
C TYR F 29 5.24 2.66 20.69
N GLY F 30 4.84 3.66 19.92
CA GLY F 30 5.52 3.96 18.66
C GLY F 30 4.90 3.32 17.43
N PRO F 31 5.57 3.46 16.27
CA PRO F 31 5.04 2.93 15.00
C PRO F 31 4.89 1.41 15.02
N ILE F 32 3.94 0.89 14.26
CA ILE F 32 3.83 -0.55 14.08
C ILE F 32 4.77 -0.99 12.97
N PRO F 33 5.63 -1.97 13.25
CA PRO F 33 6.58 -2.49 12.24
C PRO F 33 5.86 -2.85 10.95
N GLY F 34 6.39 -2.42 9.81
CA GLY F 34 5.82 -2.77 8.52
C GLY F 34 4.69 -1.87 8.04
N ILE F 35 4.28 -0.93 8.88
CA ILE F 35 3.18 -0.02 8.54
C ILE F 35 3.67 1.41 8.45
N PRO F 36 3.95 1.87 7.22
CA PRO F 36 4.44 3.22 7.00
C PRO F 36 3.36 4.30 7.11
N VAL F 37 3.75 5.49 7.56
CA VAL F 37 2.94 6.70 7.44
C VAL F 37 2.35 6.77 6.03
N GLY F 38 1.06 7.09 5.93
CA GLY F 38 0.39 7.12 4.64
C GLY F 38 -0.49 5.88 4.43
N SER F 39 -0.24 4.82 5.20
CA SER F 39 -1.06 3.60 5.11
C SER F 39 -2.51 3.96 5.40
N THR F 40 -3.44 3.40 4.62
CA THR F 40 -4.84 3.80 4.70
C THR F 40 -5.76 2.59 4.62
N TRP F 41 -6.74 2.54 5.53
CA TRP F 41 -7.72 1.44 5.60
C TRP F 41 -9.13 2.00 5.59
N ARG F 42 -10.06 1.32 4.92
CA ARG F 42 -11.43 1.84 4.84
C ARG F 42 -12.11 1.89 6.20
N PHE F 43 -11.98 0.82 6.97
CA PHE F 43 -12.75 0.67 8.20
C PHE F 43 -11.89 0.58 9.44
N ARG F 44 -12.45 1.03 10.55
CA ARG F 44 -11.76 1.02 11.83
C ARG F 44 -11.28 -0.38 12.26
N VAL F 45 -12.06 -1.42 11.93
CA VAL F 45 -11.70 -2.78 12.30
C VAL F 45 -10.37 -3.19 11.64
N GLN F 46 -10.14 -2.71 10.42
CA GLN F 46 -8.87 -2.97 9.74
C GLN F 46 -7.70 -2.30 10.46
N VAL F 47 -7.91 -1.07 10.89
CA VAL F 47 -6.90 -0.34 11.64
C VAL F 47 -6.58 -1.09 12.93
N SER F 48 -7.61 -1.72 13.49
CA SER F 48 -7.45 -2.49 14.71
CA SER F 48 -7.46 -2.50 14.71
C SER F 48 -6.65 -3.77 14.46
N GLU F 49 -7.05 -4.53 13.45
CA GLU F 49 -6.34 -5.74 13.05
C GLU F 49 -4.85 -5.48 12.77
N ALA F 50 -4.55 -4.33 12.17
CA ALA F 50 -3.17 -3.98 11.84
C ALA F 50 -2.34 -3.63 13.07
N GLY F 51 -3.02 -3.47 14.22
CA GLY F 51 -2.36 -3.12 15.46
C GLY F 51 -2.14 -1.62 15.64
N VAL F 52 -2.54 -0.84 14.64
CA VAL F 52 -2.28 0.59 14.64
C VAL F 52 -3.18 1.34 15.64
N HIS F 53 -4.44 0.93 15.73
CA HIS F 53 -5.33 1.49 16.74
C HIS F 53 -6.32 0.41 17.17
N ARG F 54 -6.02 -0.22 18.30
CA ARG F 54 -6.73 -1.44 18.70
C ARG F 54 -8.26 -1.28 18.91
N PRO F 55 -8.72 -0.22 19.60
CA PRO F 55 -10.18 -0.15 19.78
C PRO F 55 -10.95 0.01 18.47
N HIS F 56 -12.06 -0.72 18.33
CA HIS F 56 -12.88 -0.66 17.13
C HIS F 56 -13.71 0.61 17.10
N VAL F 57 -13.96 1.17 18.28
CA VAL F 57 -14.87 2.30 18.39
C VAL F 57 -14.21 3.51 19.05
N GLY F 58 -13.67 3.31 20.25
CA GLY F 58 -13.09 4.39 21.03
C GLY F 58 -12.01 5.16 20.28
N GLY F 59 -11.88 6.44 20.61
CA GLY F 59 -10.95 7.32 19.92
C GLY F 59 -9.54 7.24 20.47
N ILE F 60 -9.40 6.84 21.73
CA ILE F 60 -8.09 6.75 22.37
C ILE F 60 -7.81 5.32 22.81
N HIS F 61 -6.64 4.78 22.46
CA HIS F 61 -6.20 3.54 23.09
C HIS F 61 -5.13 3.82 24.14
N GLY F 62 -5.38 3.42 25.37
CA GLY F 62 -4.41 3.59 26.42
C GLY F 62 -4.73 2.79 27.69
N ARG F 63 -3.86 2.96 28.68
CA ARG F 63 -4.09 2.41 30.01
C ARG F 63 -3.87 3.51 31.03
N SER F 64 -4.84 3.69 31.92
CA SER F 64 -4.91 4.90 32.72
C SER F 64 -3.74 5.10 33.69
N ASN F 65 -2.98 4.05 33.96
CA ASN F 65 -1.78 4.21 34.78
C ASN F 65 -0.52 3.86 33.99
N ASP F 66 -0.58 3.98 32.68
CA ASP F 66 0.59 3.76 31.82
C ASP F 66 0.74 4.95 30.88
N GLY F 67 -0.12 5.00 29.86
CA GLY F 67 -0.10 6.08 28.89
C GLY F 67 -0.98 5.70 27.72
N ALA F 68 -1.06 6.58 26.71
CA ALA F 68 -1.85 6.32 25.51
C ALA F 68 -0.94 5.91 24.37
N TYR F 69 -1.39 4.92 23.61
CA TYR F 69 -0.59 4.42 22.51
C TYR F 69 -1.03 4.98 21.18
N SER F 70 -2.29 5.34 21.06
CA SER F 70 -2.81 5.79 19.78
C SER F 70 -4.14 6.54 19.91
N LEU F 71 -4.46 7.34 18.90
CA LEU F 71 -5.74 8.03 18.85
C LEU F 71 -6.21 8.26 17.43
N VAL F 72 -7.51 8.50 17.29
CA VAL F 72 -8.13 8.69 15.99
C VAL F 72 -8.81 10.05 15.93
N LEU F 73 -8.52 10.79 14.87
CA LEU F 73 -9.12 12.10 14.60
C LEU F 73 -10.27 11.96 13.62
N ALA F 74 -11.50 12.01 14.11
CA ALA F 74 -12.64 11.77 13.24
C ALA F 74 -13.71 12.84 13.37
N GLY F 75 -13.29 14.05 13.72
CA GLY F 75 -14.20 15.20 13.76
C GLY F 75 -15.32 15.13 14.80
N GLY F 76 -15.10 14.35 15.87
CA GLY F 76 -16.11 14.22 16.91
C GLY F 76 -16.45 15.50 17.66
N PHE F 77 -15.52 16.44 17.72
CA PHE F 77 -15.75 17.69 18.43
C PHE F 77 -15.56 18.90 17.52
N ALA F 78 -16.63 19.71 17.39
CA ALA F 78 -16.66 20.78 16.40
C ALA F 78 -15.65 21.89 16.65
N ASP F 79 -15.10 21.94 17.86
CA ASP F 79 -14.23 23.06 18.23
C ASP F 79 -12.73 22.72 18.22
N GLU F 80 -12.41 21.49 17.80
CA GLU F 80 -11.03 21.09 17.60
C GLU F 80 -10.40 21.78 16.39
N VAL F 81 -9.09 21.98 16.43
CA VAL F 81 -8.37 22.55 15.28
C VAL F 81 -7.24 21.65 14.85
N ASP F 82 -6.78 21.83 13.62
CA ASP F 82 -5.79 20.93 13.06
C ASP F 82 -4.96 21.67 12.03
N ARG F 83 -3.66 21.73 12.27
CA ARG F 83 -2.74 22.38 11.34
C ARG F 83 -1.74 21.38 10.77
N GLY F 84 -2.04 20.09 10.86
CA GLY F 84 -1.16 19.06 10.36
C GLY F 84 -0.06 18.69 11.34
N ASP F 85 0.91 19.58 11.49
CA ASP F 85 2.04 19.38 12.41
C ASP F 85 1.59 19.45 13.86
N GLU F 86 0.51 20.19 14.11
CA GLU F 86 -0.06 20.32 15.44
C GLU F 86 -1.59 20.24 15.34
N PHE F 87 -2.24 19.73 16.37
CA PHE F 87 -3.69 19.75 16.42
C PHE F 87 -4.16 19.68 17.86
N THR F 88 -5.40 20.12 18.11
CA THR F 88 -5.98 19.90 19.42
C THR F 88 -6.93 18.72 19.39
N TYR F 89 -7.10 18.12 20.55
CA TYR F 89 -7.83 16.88 20.66
C TYR F 89 -8.61 16.88 21.97
N THR F 90 -9.71 16.15 22.00
CA THR F 90 -10.61 16.20 23.13
C THR F 90 -10.72 14.83 23.79
N GLY F 91 -10.79 14.82 25.11
CA GLY F 91 -10.98 13.58 25.84
C GLY F 91 -12.38 13.04 25.62
N SER F 92 -12.68 11.93 26.27
CA SER F 92 -14.00 11.32 26.18
C SER F 92 -14.73 11.44 27.50
N GLY F 93 -15.99 11.01 27.54
CA GLY F 93 -16.78 11.06 28.76
C GLY F 93 -17.82 12.17 28.80
N SER F 107 -23.33 15.76 27.70
CA SER F 107 -24.14 15.85 28.90
C SER F 107 -23.38 16.48 30.07
N ALA F 108 -22.61 15.66 30.79
CA ALA F 108 -21.90 16.12 31.99
C ALA F 108 -20.41 16.34 31.75
N ASP F 109 -19.72 16.79 32.79
CA ASP F 109 -18.32 17.17 32.70
C ASP F 109 -17.36 15.99 32.54
N GLN F 110 -16.26 16.19 31.82
CA GLN F 110 -15.26 15.14 31.67
C GLN F 110 -14.31 15.16 32.86
N THR F 111 -13.65 14.04 33.12
CA THR F 111 -12.68 13.95 34.21
C THR F 111 -11.36 13.37 33.71
N LEU F 112 -10.26 13.75 34.36
CA LEU F 112 -8.95 13.20 34.00
C LEU F 112 -8.82 11.77 34.54
N THR F 113 -9.65 10.89 34.03
CA THR F 113 -9.65 9.48 34.44
C THR F 113 -9.60 8.61 33.21
N ASN F 114 -9.35 7.33 33.41
CA ASN F 114 -9.36 6.37 32.31
C ASN F 114 -8.50 6.82 31.12
N MET F 115 -9.08 6.89 29.93
CA MET F 115 -8.29 7.18 28.73
C MET F 115 -7.80 8.63 28.69
N ASN F 116 -8.56 9.55 29.27
CA ASN F 116 -8.12 10.93 29.38
C ASN F 116 -6.87 11.01 30.23
N ARG F 117 -6.86 10.26 31.32
CA ARG F 117 -5.72 10.20 32.21
C ARG F 117 -4.53 9.60 31.47
N ALA F 118 -4.80 8.51 30.76
CA ALA F 118 -3.79 7.84 29.94
C ALA F 118 -3.06 8.82 29.01
N LEU F 119 -3.83 9.64 28.29
CA LEU F 119 -3.24 10.54 27.30
C LEU F 119 -2.40 11.60 27.98
N ALA F 120 -2.86 12.05 29.14
CA ALA F 120 -2.16 13.10 29.87
C ALA F 120 -0.82 12.59 30.39
N LEU F 121 -0.78 11.32 30.76
CA LEU F 121 0.46 10.74 31.25
C LEU F 121 1.58 10.77 30.21
N ASN F 122 1.21 10.79 28.92
CA ASN F 122 2.20 10.93 27.84
C ASN F 122 2.93 12.27 27.86
N CYS F 123 2.31 13.27 28.47
CA CYS F 123 2.93 14.59 28.54
C CYS F 123 4.12 14.54 29.50
N ASP F 124 5.24 15.13 29.08
CA ASP F 124 6.42 15.19 29.95
C ASP F 124 6.22 16.21 31.08
N ALA F 125 5.39 15.86 32.05
CA ALA F 125 5.05 16.77 33.12
C ALA F 125 4.26 16.03 34.20
N PRO F 126 4.31 16.54 35.44
CA PRO F 126 3.49 15.95 36.50
C PRO F 126 2.01 15.92 36.14
N LEU F 127 1.30 14.89 36.55
CA LEU F 127 -0.14 14.82 36.30
C LEU F 127 -0.87 15.88 37.12
N ASP F 128 -1.74 16.66 36.48
CA ASP F 128 -2.56 17.61 37.22
C ASP F 128 -4.02 17.55 36.76
N ASP F 129 -4.89 17.03 37.61
CA ASP F 129 -6.28 16.84 37.22
C ASP F 129 -7.17 18.06 37.52
N LYS F 130 -6.57 19.16 37.92
CA LYS F 130 -7.34 20.38 38.19
C LYS F 130 -7.16 21.43 37.10
N ILE F 131 -5.92 21.71 36.70
CA ILE F 131 -5.69 22.71 35.65
C ILE F 131 -4.85 22.19 34.48
N GLY F 132 -4.54 20.90 34.46
CA GLY F 132 -3.70 20.34 33.41
C GLY F 132 -2.24 20.72 33.58
N ALA F 133 -1.45 20.53 32.52
CA ALA F 133 -0.02 20.79 32.59
C ALA F 133 0.61 21.03 31.23
N GLU F 134 1.78 21.65 31.24
CA GLU F 134 2.53 21.88 30.02
C GLU F 134 3.86 21.17 30.10
N SER F 135 4.20 20.43 29.05
CA SER F 135 5.46 19.68 29.00
CA SER F 135 5.45 19.68 29.07
C SER F 135 6.67 20.59 29.22
N ARG F 136 7.67 20.07 29.91
CA ARG F 136 8.90 20.82 30.12
C ARG F 136 9.76 20.64 28.86
N ASN F 137 9.86 19.40 28.42
CA ASN F 137 10.57 19.03 27.22
C ASN F 137 9.63 18.19 26.35
N TRP F 138 8.89 18.84 25.45
CA TRP F 138 7.75 18.18 24.81
C TRP F 138 8.16 16.90 24.10
N ARG F 139 9.36 16.89 23.52
CA ARG F 139 9.82 15.69 22.81
C ARG F 139 10.15 14.51 23.72
N ALA F 140 10.27 14.77 25.02
CA ALA F 140 10.54 13.68 25.96
C ALA F 140 9.27 12.91 26.30
N GLY F 141 8.13 13.45 25.89
CA GLY F 141 6.85 12.78 26.10
C GLY F 141 6.77 11.43 25.39
N LYS F 142 5.84 10.60 25.83
CA LYS F 142 5.62 9.32 25.19
C LYS F 142 4.90 9.47 23.85
N PRO F 143 5.35 8.71 22.85
CA PRO F 143 4.78 8.79 21.49
C PRO F 143 3.35 8.27 21.40
N VAL F 144 2.56 8.93 20.55
CA VAL F 144 1.19 8.56 20.25
C VAL F 144 1.06 8.33 18.75
N ARG F 145 0.56 7.18 18.34
CA ARG F 145 0.20 6.98 16.93
C ARG F 145 -1.04 7.79 16.63
N VAL F 146 -1.03 8.53 15.52
CA VAL F 146 -2.19 9.34 15.15
C VAL F 146 -2.77 8.86 13.83
N ILE F 147 -4.05 8.56 13.88
CA ILE F 147 -4.80 8.14 12.70
C ILE F 147 -5.84 9.22 12.39
N ARG F 148 -5.80 9.77 11.18
CA ARG F 148 -6.83 10.72 10.74
C ARG F 148 -7.90 10.03 9.90
N SER F 149 -9.15 10.20 10.31
CA SER F 149 -10.29 9.63 9.62
C SER F 149 -10.93 10.60 8.64
N PHE F 150 -11.44 10.08 7.53
CA PHE F 150 -12.14 10.89 6.54
C PHE F 150 -13.30 11.67 7.17
N LYS F 151 -13.83 11.16 8.28
CA LYS F 151 -14.90 11.83 8.99
C LYS F 151 -14.44 13.16 9.62
N GLY F 152 -13.14 13.35 9.72
CA GLY F 152 -12.61 14.58 10.27
C GLY F 152 -12.60 15.75 9.30
N ARG F 153 -12.97 15.47 8.04
CA ARG F 153 -12.98 16.50 7.01
C ARG F 153 -13.86 17.70 7.36
N LYS F 154 -14.80 17.51 8.27
CA LYS F 154 -15.69 18.61 8.61
C LYS F 154 -15.03 19.63 9.55
N ILE F 155 -13.94 19.25 10.21
CA ILE F 155 -13.22 20.26 10.97
C ILE F 155 -11.78 20.42 10.50
N SER F 156 -11.30 19.51 9.65
CA SER F 156 -9.87 19.49 9.30
C SER F 156 -9.58 19.37 7.81
N LYS F 157 -8.70 20.25 7.32
CA LYS F 157 -8.23 20.20 5.94
C LYS F 157 -7.22 19.08 5.72
N TYR F 158 -6.73 18.49 6.80
CA TYR F 158 -5.69 17.47 6.68
C TYR F 158 -6.21 16.03 6.67
N ALA F 159 -7.48 15.85 7.06
CA ALA F 159 -8.09 14.53 7.01
C ALA F 159 -8.07 13.96 5.58
N PRO F 160 -7.96 12.62 5.45
CA PRO F 160 -7.97 12.00 4.12
C PRO F 160 -9.36 12.04 3.49
N GLU F 161 -9.43 11.94 2.17
CA GLU F 161 -10.69 11.85 1.46
C GLU F 161 -11.49 10.64 1.87
N GLU F 162 -10.80 9.52 2.04
CA GLU F 162 -11.47 8.26 2.34
C GLU F 162 -10.75 7.47 3.42
N GLY F 163 -11.50 6.66 4.14
CA GLY F 163 -10.91 5.73 5.10
C GLY F 163 -10.14 6.37 6.24
N ASN F 164 -9.19 5.61 6.76
CA ASN F 164 -8.44 5.98 7.95
C ASN F 164 -6.96 5.96 7.64
N ARG F 165 -6.28 7.09 7.84
CA ARG F 165 -4.88 7.18 7.43
C ARG F 165 -3.92 7.34 8.61
N TYR F 166 -2.87 6.53 8.64
CA TYR F 166 -1.88 6.63 9.69
C TYR F 166 -0.88 7.74 9.37
N ASP F 167 -0.84 8.75 10.22
CA ASP F 167 -0.09 9.95 9.91
C ASP F 167 1.19 10.08 10.72
N GLY F 168 1.44 9.10 11.58
CA GLY F 168 2.71 9.02 12.28
C GLY F 168 2.67 9.39 13.75
N ILE F 169 3.84 9.72 14.30
CA ILE F 169 4.01 9.88 15.73
C ILE F 169 3.87 11.33 16.19
N TYR F 170 3.06 11.52 17.23
CA TYR F 170 2.85 12.83 17.84
C TYR F 170 3.10 12.75 19.34
N LYS F 171 3.27 13.91 19.96
CA LYS F 171 3.48 13.99 21.39
C LYS F 171 2.62 15.07 22.01
N VAL F 172 2.24 14.85 23.26
CA VAL F 172 1.37 15.76 23.98
C VAL F 172 2.19 16.89 24.57
N VAL F 173 1.98 18.09 24.03
CA VAL F 173 2.70 19.28 24.46
C VAL F 173 2.12 19.80 25.77
N LYS F 174 0.81 19.75 25.87
CA LYS F 174 0.11 20.23 27.05
C LYS F 174 -1.32 19.74 27.01
N TYR F 175 -2.00 19.86 28.14
CA TYR F 175 -3.39 19.46 28.26
C TYR F 175 -4.02 20.28 29.36
N TRP F 176 -5.33 20.50 29.27
CA TRP F 176 -6.00 21.44 30.15
C TRP F 176 -7.50 21.24 30.04
N PRO F 177 -8.24 21.58 31.11
CA PRO F 177 -9.69 21.50 31.03
C PRO F 177 -10.28 22.81 30.58
N GLU F 178 -11.40 22.74 29.87
CA GLU F 178 -12.09 23.96 29.43
C GLU F 178 -13.54 23.63 29.03
N ILE F 179 -14.39 24.65 29.10
CA ILE F 179 -15.75 24.52 28.60
C ILE F 179 -15.75 24.42 27.07
N SER F 180 -16.42 23.41 26.53
CA SER F 180 -16.46 23.23 25.09
C SER F 180 -17.27 24.35 24.45
N SER F 181 -16.68 25.01 23.46
CA SER F 181 -17.34 26.13 22.78
C SER F 181 -18.57 25.66 22.04
N SER F 182 -18.61 24.38 21.70
CA SER F 182 -19.68 23.87 20.85
C SER F 182 -20.67 22.96 21.57
N HIS F 183 -20.30 22.46 22.75
CA HIS F 183 -21.15 21.51 23.45
C HIS F 183 -21.56 21.96 24.86
N GLY F 184 -20.82 22.92 25.43
CA GLY F 184 -21.25 23.55 26.66
C GLY F 184 -20.86 22.92 27.99
N PHE F 185 -20.35 21.69 27.96
CA PHE F 185 -19.85 21.07 29.20
C PHE F 185 -18.32 21.05 29.22
N LEU F 186 -17.76 20.69 30.37
CA LEU F 186 -16.30 20.69 30.54
C LEU F 186 -15.68 19.51 29.82
N VAL F 187 -14.62 19.79 29.07
CA VAL F 187 -13.87 18.74 28.40
C VAL F 187 -12.39 18.86 28.74
N TRP F 188 -11.66 17.76 28.61
CA TRP F 188 -10.21 17.81 28.71
C TRP F 188 -9.65 17.94 27.32
N ARG F 189 -8.77 18.92 27.13
CA ARG F 189 -8.23 19.22 25.81
C ARG F 189 -6.74 18.96 25.78
N TYR F 190 -6.24 18.61 24.60
CA TYR F 190 -4.83 18.26 24.46
C TYR F 190 -4.26 18.92 23.22
N LEU F 191 -3.02 19.37 23.31
CA LEU F 191 -2.27 19.84 22.15
C LEU F 191 -1.25 18.79 21.75
N LEU F 192 -1.37 18.29 20.52
CA LEU F 192 -0.47 17.26 20.00
C LEU F 192 0.44 17.88 18.96
N ARG F 193 1.70 17.47 18.96
CA ARG F 193 2.67 17.98 17.99
C ARG F 193 3.45 16.81 17.39
N ARG F 194 3.67 16.86 16.09
CA ARG F 194 4.28 15.73 15.38
C ARG F 194 5.78 15.65 15.64
N ASP F 195 6.27 14.43 15.80
CA ASP F 195 7.69 14.18 16.04
C ASP F 195 8.05 12.85 15.39
N ASP F 196 8.28 12.90 14.08
CA ASP F 196 8.41 11.68 13.30
C ASP F 196 9.40 11.87 12.16
N VAL F 197 10.31 10.92 12.03
CA VAL F 197 11.30 10.93 10.96
C VAL F 197 10.63 10.66 9.60
N GLU F 198 9.53 9.91 9.60
CA GLU F 198 8.75 9.70 8.38
C GLU F 198 7.98 10.96 8.02
N PRO F 199 8.13 11.41 6.77
CA PRO F 199 7.45 12.63 6.33
C PRO F 199 5.91 12.54 6.37
N ALA F 200 5.26 13.62 6.77
CA ALA F 200 3.80 13.66 6.84
C ALA F 200 3.17 13.49 5.46
N PRO F 201 2.01 12.81 5.40
CA PRO F 201 1.42 12.44 4.12
C PRO F 201 0.97 13.62 3.24
N TRP F 202 0.68 14.79 3.81
CA TRP F 202 0.26 15.95 2.99
C TRP F 202 1.43 16.75 2.43
N THR F 203 2.65 16.47 2.89
CA THR F 203 3.82 17.18 2.39
C THR F 203 4.23 16.64 1.04
N SER F 204 4.92 17.47 0.24
CA SER F 204 5.40 17.04 -1.06
CA SER F 204 5.36 17.02 -1.07
C SER F 204 6.19 15.75 -0.92
N GLU F 205 7.03 15.70 0.10
CA GLU F 205 7.86 14.52 0.32
C GLU F 205 7.03 13.30 0.67
N GLY F 206 6.01 13.47 1.51
CA GLY F 206 5.16 12.36 1.93
C GLY F 206 4.31 11.85 0.77
N ILE F 207 3.85 12.78 -0.06
CA ILE F 207 3.12 12.41 -1.26
C ILE F 207 3.99 11.59 -2.20
N GLU F 208 5.23 12.02 -2.45
CA GLU F 208 6.14 11.23 -3.28
C GLU F 208 6.37 9.85 -2.66
N ARG F 209 6.51 9.80 -1.33
CA ARG F 209 6.74 8.52 -0.67
C ARG F 209 5.54 7.57 -0.78
N SER F 210 4.33 8.11 -0.61
CA SER F 210 3.14 7.27 -0.72
C SER F 210 3.01 6.72 -2.13
N ARG F 211 3.36 7.53 -3.12
CA ARG F 211 3.31 7.07 -4.51
C ARG F 211 4.40 6.02 -4.71
N ARG F 212 5.61 6.32 -4.24
CA ARG F 212 6.74 5.39 -4.35
C ARG F 212 6.44 4.02 -3.73
N LEU F 213 5.73 4.01 -2.60
CA LEU F 213 5.43 2.76 -1.91
C LEU F 213 4.09 2.17 -2.34
N CYS F 214 3.44 2.82 -3.30
CA CYS F 214 2.13 2.39 -3.80
C CYS F 214 1.12 2.22 -2.69
N LEU F 215 1.08 3.16 -1.75
CA LEU F 215 0.11 3.10 -0.66
C LEU F 215 -1.28 3.48 -1.16
N ARG F 216 -2.21 2.52 -1.15
CA ARG F 216 -3.57 2.81 -1.56
C ARG F 216 -4.58 2.45 -0.48
N LEU F 217 -5.79 2.98 -0.63
CA LEU F 217 -6.89 2.66 0.29
C LEU F 217 -7.13 1.16 0.33
N GLN F 218 -7.02 0.57 1.52
CA GLN F 218 -7.20 -0.87 1.65
C GLN F 218 -8.60 -1.21 2.13
N TYR F 219 -9.30 -2.07 1.37
CA TYR F 219 -10.58 -2.62 1.78
C TYR F 219 -10.36 -3.98 2.44
N PRO F 220 -11.33 -4.46 3.24
CA PRO F 220 -11.17 -5.78 3.88
C PRO F 220 -10.96 -6.89 2.87
N ALA F 221 -10.22 -7.92 3.26
CA ALA F 221 -9.96 -9.07 2.40
C ALA F 221 -11.28 -9.72 2.00
N GLY F 222 -11.58 -9.65 0.70
CA GLY F 222 -12.82 -10.22 0.17
C GLY F 222 -13.98 -9.24 0.33
N TYR F 223 -13.79 -8.05 -0.21
CA TYR F 223 -14.81 -7.00 -0.10
C TYR F 223 -15.40 -6.68 -1.46
N PRO F 224 -16.74 -6.54 -1.53
CA PRO F 224 -17.46 -6.20 -2.76
C PRO F 224 -16.93 -4.94 -3.44
#